data_4N3C
#
_entry.id   4N3C
#
_cell.length_a   98.880
_cell.length_b   98.880
_cell.length_c   365.930
_cell.angle_alpha   90.000
_cell.angle_beta   90.000
_cell.angle_gamma   120.000
#
_symmetry.space_group_name_H-M   'P 61 2 2'
#
loop_
_entity.id
_entity.type
_entity.pdbx_description
1 polymer 'UDP-N-acetylglucosamine--peptide N-acetylglucosaminyltransferase 110 kDa subunit'
2 polymer 'Host cell factor 1'
3 non-polymer URIDINE-DIPHOSPHATE-N-ACETYLGLUCOSAMINE
4 water water
#
loop_
_entity_poly.entity_id
_entity_poly.type
_entity_poly.pdbx_seq_one_letter_code
_entity_poly.pdbx_strand_id
1 'polypeptide(L)'
;GPGSCPTHADSLNNLANIKREQGNIEEAVRLYRKALEVFPEFAAAHSNLASVLQQQGKLQEALMHYKEAIRISPTFADAY
SNMGNTLKEMQDVQGALQCYTRAIQINPAFADAHSNLASIHKDSGNIPEAIASYRTALKLKPDFPDAYCNLAHCLQIVCD
WTDYDERMKKLVSIVADQLEKNRLPSVHPHHSMLYPLSHGFRKAIAERHGNLCLDKINVLHKPPYEHPKDLKLSDGRLRV
GYVSSDFGNHPTSHLMQSIPGMHNPDKFEVFCYALSPDDGTNFRVKVMAEANHFIDLSQIPCNGKAADRIHQDGIHILVN
MNGYTKGARNELFALRPAPIQAMWLGYPGTSGALFMDYIITDQETSPAEVAEQYSEKLAYMPHTFFIGDHANMFPHLKKK
AVIDFKSNGHIYDNRIVLNGIDLKAFLDSLPDVKIVKMKCPDGGDNADSSNTALNMPVIPMNTIAEAVIEMINRGQIQIT
INGFSISNGLATTQINNKAATGEEVPRTIIVTTRSQYGLPEDAIVYCNFNQLYKIDPSTLQMWANILKRVPNSVLWLLRF
PAVGEPNIQQYAQNMGLPQNRIIFSPVAPKEEHVRRGQLADVCLDTPLCNGHTTGMDVLWAGTPMVTMPGETLASRVAAS
QLTCLGCLELIAKNRQEYEDIAVKLGTDLEYLKKVRGKVWKQRISSPLFNTKQYTMELERLYLQMWEHYAAGNKPDHMIK
PVE
;
A
2 'polypeptide(L)' VRVCSNPPCETHETGTTNTATTATSN B
#
# COMPACT_ATOMS: atom_id res chain seq x y z
N CYS A 5 -17.08 49.48 -6.94
CA CYS A 5 -16.09 49.80 -5.90
C CYS A 5 -15.10 48.66 -5.74
N PRO A 6 -13.80 48.97 -5.77
CA PRO A 6 -12.77 47.96 -5.48
C PRO A 6 -12.78 47.60 -4.00
N THR A 7 -12.94 48.60 -3.13
CA THR A 7 -12.91 48.37 -1.68
C THR A 7 -14.01 47.41 -1.20
N HIS A 8 -15.21 47.56 -1.74
CA HIS A 8 -16.30 46.64 -1.43
C HIS A 8 -15.91 45.22 -1.83
N ALA A 9 -15.38 45.08 -3.04
CA ALA A 9 -14.96 43.78 -3.56
C ALA A 9 -13.75 43.22 -2.81
N ASP A 10 -12.77 44.08 -2.52
CA ASP A 10 -11.56 43.67 -1.81
C ASP A 10 -11.89 43.14 -0.42
N SER A 11 -12.82 43.79 0.27
N SER A 11 -12.81 43.80 0.27
CA SER A 11 -13.22 43.39 1.61
CA SER A 11 -13.21 43.37 1.61
C SER A 11 -13.95 42.05 1.60
C SER A 11 -13.94 42.03 1.57
N LEU A 12 -14.74 41.81 0.55
CA LEU A 12 -15.45 40.55 0.40
C LEU A 12 -14.49 39.41 0.08
N ASN A 13 -13.48 39.70 -0.74
CA ASN A 13 -12.46 38.70 -1.07
C ASN A 13 -11.60 38.36 0.13
N ASN A 14 -11.19 39.37 0.88
CA ASN A 14 -10.36 39.15 2.04
C ASN A 14 -11.09 38.40 3.15
N LEU A 15 -12.36 38.74 3.36
CA LEU A 15 -13.19 38.06 4.35
C LEU A 15 -13.43 36.60 3.97
N ALA A 16 -13.52 36.34 2.66
CA ALA A 16 -13.75 34.99 2.19
C ALA A 16 -12.50 34.12 2.38
N ASN A 17 -11.33 34.73 2.21
CA ASN A 17 -10.07 34.05 2.51
C ASN A 17 -10.03 33.63 3.98
N ILE A 18 -10.58 34.47 4.85
CA ILE A 18 -10.66 34.19 6.28
C ILE A 18 -11.61 33.02 6.54
N LYS A 19 -12.78 33.07 5.91
CA LYS A 19 -13.77 32.01 6.08
C LYS A 19 -13.23 30.68 5.59
N ARG A 20 -12.45 30.73 4.53
CA ARG A 20 -11.84 29.54 3.97
C ARG A 20 -10.84 28.91 4.95
N GLU A 21 -9.99 29.74 5.54
CA GLU A 21 -9.03 29.27 6.53
C GLU A 21 -9.68 28.70 7.78
N GLN A 22 -10.90 29.14 8.06
CA GLN A 22 -11.63 28.67 9.23
C GLN A 22 -12.32 27.34 8.96
N GLY A 23 -12.24 26.88 7.72
CA GLY A 23 -12.89 25.65 7.32
C GLY A 23 -14.32 25.86 6.88
N ASN A 24 -14.75 27.12 6.83
CA ASN A 24 -16.09 27.45 6.39
C ASN A 24 -16.12 27.66 4.87
N ILE A 25 -16.01 26.55 4.13
CA ILE A 25 -15.93 26.60 2.68
C ILE A 25 -17.19 27.14 2.01
N GLU A 26 -18.35 26.73 2.50
CA GLU A 26 -19.62 27.19 1.94
C GLU A 26 -19.72 28.71 1.97
N GLU A 27 -19.37 29.30 3.11
CA GLU A 27 -19.42 30.74 3.26
C GLU A 27 -18.35 31.44 2.41
N ALA A 28 -17.22 30.78 2.22
CA ALA A 28 -16.16 31.33 1.38
C ALA A 28 -16.64 31.48 -0.07
N VAL A 29 -17.22 30.40 -0.61
CA VAL A 29 -17.81 30.43 -1.94
C VAL A 29 -18.80 31.58 -2.08
N ARG A 30 -19.69 31.70 -1.10
CA ARG A 30 -20.72 32.74 -1.10
C ARG A 30 -20.11 34.14 -1.18
N LEU A 31 -19.07 34.38 -0.41
CA LEU A 31 -18.45 35.70 -0.35
C LEU A 31 -17.60 36.01 -1.58
N TYR A 32 -16.97 34.99 -2.16
CA TYR A 32 -16.23 35.18 -3.40
C TYR A 32 -17.20 35.57 -4.51
N ARG A 33 -18.33 34.87 -4.58
CA ARG A 33 -19.32 35.14 -5.61
C ARG A 33 -19.90 36.53 -5.46
N LYS A 34 -20.08 37.00 -4.23
CA LYS A 34 -20.62 38.33 -3.98
C LYS A 34 -19.58 39.39 -4.36
N ALA A 35 -18.30 39.04 -4.23
CA ALA A 35 -17.22 39.90 -4.68
C ALA A 35 -17.21 40.03 -6.20
N LEU A 36 -17.45 38.93 -6.89
CA LEU A 36 -17.51 38.93 -8.36
C LEU A 36 -18.79 39.62 -8.85
N GLU A 37 -19.81 39.63 -8.02
CA GLU A 37 -21.06 40.32 -8.35
C GLU A 37 -20.81 41.82 -8.33
N VAL A 38 -20.02 42.28 -7.36
CA VAL A 38 -19.67 43.69 -7.26
C VAL A 38 -18.65 44.09 -8.31
N PHE A 39 -17.67 43.23 -8.54
CA PHE A 39 -16.54 43.52 -9.43
C PHE A 39 -16.24 42.26 -10.24
N PRO A 40 -16.87 42.12 -11.41
CA PRO A 40 -16.76 40.93 -12.27
C PRO A 40 -15.37 40.68 -12.84
N GLU A 41 -14.56 41.73 -13.02
CA GLU A 41 -13.21 41.58 -13.55
C GLU A 41 -12.17 41.43 -12.46
N PHE A 42 -12.56 40.77 -11.37
CA PHE A 42 -11.71 40.61 -10.20
C PHE A 42 -10.89 39.33 -10.32
N ALA A 43 -9.63 39.47 -10.73
CA ALA A 43 -8.78 38.31 -11.00
C ALA A 43 -8.56 37.46 -9.74
N ALA A 44 -8.27 38.13 -8.62
CA ALA A 44 -8.03 37.43 -7.36
C ALA A 44 -9.26 36.65 -6.92
N ALA A 45 -10.42 37.27 -7.05
CA ALA A 45 -11.67 36.61 -6.68
C ALA A 45 -11.96 35.38 -7.53
N HIS A 46 -11.61 35.43 -8.81
CA HIS A 46 -11.82 34.29 -9.70
C HIS A 46 -10.92 33.13 -9.30
N SER A 47 -9.66 33.44 -9.02
CA SER A 47 -8.70 32.42 -8.63
C SER A 47 -9.02 31.86 -7.25
N ASN A 48 -9.30 32.74 -6.29
CA ASN A 48 -9.68 32.29 -4.96
C ASN A 48 -10.95 31.45 -4.95
N LEU A 49 -11.94 31.88 -5.74
CA LEU A 49 -13.19 31.13 -5.87
C LEU A 49 -12.91 29.75 -6.45
N ALA A 50 -12.00 29.71 -7.42
CA ALA A 50 -11.65 28.46 -8.07
C ALA A 50 -10.99 27.48 -7.11
N SER A 51 -10.24 28.01 -6.14
CA SER A 51 -9.59 27.16 -5.14
C SER A 51 -10.60 26.42 -4.25
N VAL A 52 -11.62 27.11 -3.79
CA VAL A 52 -12.62 26.47 -2.94
C VAL A 52 -13.55 25.57 -3.74
N LEU A 53 -13.76 25.90 -5.01
CA LEU A 53 -14.54 25.05 -5.89
C LEU A 53 -13.81 23.74 -6.14
N GLN A 54 -12.49 23.83 -6.27
CA GLN A 54 -11.65 22.64 -6.42
C GLN A 54 -11.80 21.78 -5.18
N GLN A 55 -11.82 22.43 -4.02
CA GLN A 55 -11.93 21.75 -2.74
C GLN A 55 -13.30 21.11 -2.56
N GLN A 56 -14.27 21.59 -3.33
CA GLN A 56 -15.63 21.05 -3.26
C GLN A 56 -15.87 19.99 -4.34
N GLY A 57 -14.81 19.64 -5.07
CA GLY A 57 -14.90 18.63 -6.09
C GLY A 57 -15.41 19.14 -7.43
N LYS A 58 -15.71 20.43 -7.49
CA LYS A 58 -16.18 21.05 -8.72
C LYS A 58 -15.00 21.48 -9.59
N LEU A 59 -14.34 20.50 -10.21
CA LEU A 59 -13.08 20.75 -10.88
C LEU A 59 -13.20 21.55 -12.19
N GLN A 60 -14.18 21.20 -13.03
CA GLN A 60 -14.34 21.89 -14.30
C GLN A 60 -14.76 23.35 -14.11
N GLU A 61 -15.60 23.60 -13.12
CA GLU A 61 -16.00 24.96 -12.81
C GLU A 61 -14.82 25.77 -12.29
N ALA A 62 -13.92 25.11 -11.55
CA ALA A 62 -12.73 25.76 -11.03
C ALA A 62 -11.81 26.20 -12.17
N LEU A 63 -11.63 25.31 -13.14
CA LEU A 63 -10.78 25.62 -14.29
C LEU A 63 -11.27 26.83 -15.06
N MET A 64 -12.59 26.95 -15.21
CA MET A 64 -13.16 28.08 -15.91
C MET A 64 -12.74 29.40 -15.24
N HIS A 65 -12.85 29.46 -13.92
CA HIS A 65 -12.51 30.67 -13.19
C HIS A 65 -11.02 30.98 -13.17
N TYR A 66 -10.18 29.95 -13.17
CA TYR A 66 -8.73 30.15 -13.25
C TYR A 66 -8.37 30.83 -14.56
N LYS A 67 -8.96 30.34 -15.64
CA LYS A 67 -8.70 30.88 -16.97
C LYS A 67 -9.21 32.31 -17.08
N GLU A 68 -10.29 32.60 -16.38
CA GLU A 68 -10.85 33.94 -16.38
C GLU A 68 -9.91 34.89 -15.63
N ALA A 69 -9.35 34.42 -14.52
CA ALA A 69 -8.37 35.19 -13.77
C ALA A 69 -7.13 35.50 -14.61
N ILE A 70 -6.70 34.51 -15.39
CA ILE A 70 -5.53 34.67 -16.24
C ILE A 70 -5.79 35.57 -17.46
N ARG A 71 -7.02 35.55 -17.97
CA ARG A 71 -7.38 36.47 -19.06
C ARG A 71 -7.31 37.90 -18.56
N ILE A 72 -7.88 38.14 -17.40
CA ILE A 72 -7.86 39.44 -16.75
C ILE A 72 -6.42 39.86 -16.42
N SER A 73 -5.65 38.91 -15.89
CA SER A 73 -4.29 39.18 -15.46
C SER A 73 -3.35 38.08 -15.95
N PRO A 74 -2.69 38.29 -17.09
CA PRO A 74 -1.85 37.29 -17.77
C PRO A 74 -0.62 36.84 -16.97
N THR A 75 -0.16 37.65 -16.03
CA THR A 75 1.00 37.28 -15.22
C THR A 75 0.62 36.96 -13.79
N PHE A 76 -0.61 36.50 -13.61
CA PHE A 76 -1.12 36.11 -12.30
C PHE A 76 -0.58 34.73 -11.94
N ALA A 77 0.62 34.70 -11.37
CA ALA A 77 1.31 33.46 -11.05
C ALA A 77 0.51 32.53 -10.13
N ASP A 78 -0.16 33.10 -9.13
CA ASP A 78 -0.98 32.30 -8.21
C ASP A 78 -2.01 31.46 -8.93
N ALA A 79 -2.64 32.05 -9.95
CA ALA A 79 -3.69 31.37 -10.71
C ALA A 79 -3.10 30.20 -11.49
N TYR A 80 -1.94 30.41 -12.10
CA TYR A 80 -1.27 29.32 -12.81
C TYR A 80 -0.94 28.14 -11.90
N SER A 81 -0.36 28.45 -10.75
CA SER A 81 0.01 27.40 -9.80
C SER A 81 -1.23 26.70 -9.23
N ASN A 82 -2.26 27.47 -8.91
CA ASN A 82 -3.51 26.90 -8.43
C ASN A 82 -4.24 26.09 -9.49
N MET A 83 -4.17 26.55 -10.74
CA MET A 83 -4.76 25.80 -11.85
C MET A 83 -4.07 24.46 -12.01
N GLY A 84 -2.75 24.46 -11.85
CA GLY A 84 -1.96 23.23 -11.94
C GLY A 84 -2.40 22.18 -10.94
N ASN A 85 -2.69 22.61 -9.72
CA ASN A 85 -3.16 21.70 -8.69
C ASN A 85 -4.46 21.01 -9.07
N THR A 86 -5.34 21.75 -9.73
CA THR A 86 -6.61 21.21 -10.21
C THR A 86 -6.35 20.21 -11.34
N LEU A 87 -5.52 20.60 -12.30
CA LEU A 87 -5.17 19.71 -13.41
C LEU A 87 -4.50 18.43 -12.91
N LYS A 88 -3.67 18.55 -11.88
CA LYS A 88 -3.01 17.38 -11.30
C LYS A 88 -4.04 16.43 -10.70
N GLU A 89 -4.99 16.99 -9.97
CA GLU A 89 -6.07 16.22 -9.38
C GLU A 89 -6.89 15.52 -10.47
N MET A 90 -7.02 16.17 -11.63
CA MET A 90 -7.71 15.58 -12.77
C MET A 90 -6.84 14.58 -13.53
N GLN A 91 -5.67 14.26 -12.97
CA GLN A 91 -4.71 13.32 -13.57
C GLN A 91 -4.10 13.82 -14.88
N ASP A 92 -4.22 15.12 -15.14
CA ASP A 92 -3.58 15.74 -16.29
C ASP A 92 -2.19 16.24 -15.89
N VAL A 93 -1.22 15.32 -15.86
CA VAL A 93 0.12 15.64 -15.39
C VAL A 93 0.82 16.67 -16.26
N GLN A 94 0.73 16.48 -17.58
CA GLN A 94 1.35 17.41 -18.53
C GLN A 94 0.79 18.82 -18.38
N GLY A 95 -0.53 18.93 -18.25
CA GLY A 95 -1.18 20.21 -18.06
C GLY A 95 -0.71 20.88 -16.78
N ALA A 96 -0.59 20.08 -15.73
CA ALA A 96 -0.13 20.59 -14.43
C ALA A 96 1.30 21.11 -14.52
N LEU A 97 2.16 20.32 -15.16
CA LEU A 97 3.57 20.68 -15.35
C LEU A 97 3.70 22.03 -16.05
N GLN A 98 2.92 22.21 -17.10
CA GLN A 98 2.96 23.43 -17.90
C GLN A 98 2.50 24.66 -17.11
N CYS A 99 1.53 24.48 -16.21
CA CYS A 99 1.09 25.58 -15.34
C CYS A 99 2.15 25.92 -14.29
N TYR A 100 2.73 24.90 -13.67
CA TYR A 100 3.76 25.10 -12.66
C TYR A 100 4.99 25.80 -13.25
N THR A 101 5.48 25.29 -14.38
CA THR A 101 6.65 25.86 -15.02
C THR A 101 6.38 27.28 -15.48
N ARG A 102 5.15 27.56 -15.87
CA ARG A 102 4.75 28.90 -16.26
C ARG A 102 4.77 29.85 -15.05
N ALA A 103 4.13 29.44 -13.96
CA ALA A 103 4.11 30.23 -12.73
C ALA A 103 5.51 30.53 -12.22
N ILE A 104 6.38 29.52 -12.28
CA ILE A 104 7.77 29.68 -11.86
C ILE A 104 8.52 30.61 -12.81
N GLN A 105 8.18 30.54 -14.10
CA GLN A 105 8.76 31.43 -15.11
C GLN A 105 8.36 32.88 -14.85
N ILE A 106 7.12 33.09 -14.42
CA ILE A 106 6.62 34.43 -14.12
C ILE A 106 7.26 34.94 -12.84
N ASN A 107 7.35 34.08 -11.84
CA ASN A 107 7.95 34.43 -10.57
C ASN A 107 8.78 33.28 -10.02
N PRO A 108 10.10 33.32 -10.28
CA PRO A 108 11.02 32.28 -9.83
C PRO A 108 11.12 32.18 -8.29
N ALA A 109 10.66 33.20 -7.58
CA ALA A 109 10.72 33.19 -6.13
C ALA A 109 9.40 32.69 -5.50
N PHE A 110 8.54 32.13 -6.34
CA PHE A 110 7.23 31.63 -5.90
C PHE A 110 7.39 30.26 -5.23
N ALA A 111 7.41 30.25 -3.90
CA ALA A 111 7.66 29.03 -3.13
C ALA A 111 6.60 27.95 -3.33
N ASP A 112 5.33 28.35 -3.38
CA ASP A 112 4.24 27.39 -3.54
C ASP A 112 4.37 26.61 -4.84
N ALA A 113 4.69 27.32 -5.92
CA ALA A 113 4.83 26.70 -7.24
C ALA A 113 5.96 25.67 -7.28
N HIS A 114 7.08 25.98 -6.62
CA HIS A 114 8.19 25.06 -6.53
C HIS A 114 7.79 23.80 -5.77
N SER A 115 7.04 23.99 -4.69
CA SER A 115 6.60 22.88 -3.85
C SER A 115 5.61 21.99 -4.59
N ASN A 116 4.76 22.60 -5.40
CA ASN A 116 3.77 21.87 -6.18
C ASN A 116 4.40 21.15 -7.37
N LEU A 117 5.37 21.79 -8.00
CA LEU A 117 6.17 21.13 -9.02
C LEU A 117 6.88 19.91 -8.44
N ALA A 118 7.39 20.05 -7.20
CA ALA A 118 8.08 18.96 -6.52
C ALA A 118 7.18 17.74 -6.36
N SER A 119 5.91 17.97 -6.08
CA SER A 119 4.97 16.88 -5.86
C SER A 119 4.76 16.06 -7.13
N ILE A 120 4.91 16.70 -8.29
CA ILE A 120 4.81 15.98 -9.56
C ILE A 120 6.01 15.07 -9.75
N HIS A 121 7.20 15.60 -9.48
CA HIS A 121 8.43 14.82 -9.56
C HIS A 121 8.35 13.63 -8.61
N LYS A 122 7.84 13.88 -7.41
CA LYS A 122 7.68 12.84 -6.41
C LYS A 122 6.73 11.75 -6.89
N ASP A 123 5.57 12.14 -7.39
CA ASP A 123 4.58 11.18 -7.85
C ASP A 123 5.00 10.47 -9.14
N SER A 124 5.99 11.02 -9.83
CA SER A 124 6.50 10.41 -11.06
C SER A 124 7.64 9.44 -10.78
N GLY A 125 8.16 9.47 -9.57
CA GLY A 125 9.26 8.60 -9.18
C GLY A 125 10.61 9.26 -9.32
N ASN A 126 10.62 10.56 -9.61
CA ASN A 126 11.85 11.32 -9.70
C ASN A 126 12.13 12.01 -8.38
N ILE A 127 12.53 11.21 -7.39
CA ILE A 127 12.74 11.72 -6.03
C ILE A 127 13.86 12.76 -5.86
N PRO A 128 15.01 12.57 -6.53
CA PRO A 128 16.04 13.62 -6.41
C PRO A 128 15.54 15.00 -6.86
N GLU A 129 14.74 15.02 -7.92
CA GLU A 129 14.26 16.30 -8.43
C GLU A 129 13.19 16.88 -7.51
N ALA A 130 12.36 16.01 -6.95
CA ALA A 130 11.37 16.40 -5.96
C ALA A 130 12.03 16.99 -4.72
N ILE A 131 13.11 16.36 -4.27
CA ILE A 131 13.86 16.82 -3.11
C ILE A 131 14.45 18.21 -3.36
N ALA A 132 15.02 18.40 -4.55
CA ALA A 132 15.61 19.68 -4.91
C ALA A 132 14.57 20.81 -4.95
N SER A 133 13.39 20.51 -5.49
CA SER A 133 12.35 21.52 -5.59
C SER A 133 11.75 21.86 -4.23
N TYR A 134 11.57 20.85 -3.38
CA TYR A 134 11.09 21.07 -2.03
C TYR A 134 12.06 21.93 -1.23
N ARG A 135 13.35 21.75 -1.47
CA ARG A 135 14.36 22.54 -0.78
C ARG A 135 14.40 23.97 -1.30
N THR A 136 14.08 24.15 -2.58
CA THR A 136 13.97 25.48 -3.15
C THR A 136 12.76 26.19 -2.52
N ALA A 137 11.68 25.45 -2.34
CA ALA A 137 10.49 25.99 -1.71
C ALA A 137 10.74 26.42 -0.27
N LEU A 138 11.45 25.58 0.48
CA LEU A 138 11.75 25.89 1.88
C LEU A 138 12.79 27.00 2.01
N LYS A 139 13.66 27.12 1.01
CA LYS A 139 14.65 28.18 0.97
C LYS A 139 13.96 29.54 0.82
N LEU A 140 12.91 29.57 -0.01
CA LEU A 140 12.16 30.79 -0.24
C LEU A 140 11.16 31.07 0.89
N LYS A 141 10.68 29.99 1.51
CA LYS A 141 9.65 30.10 2.54
C LYS A 141 9.88 29.04 3.60
N PRO A 142 10.72 29.35 4.61
CA PRO A 142 11.13 28.41 5.66
C PRO A 142 9.96 27.83 6.46
N ASP A 143 8.93 28.62 6.71
CA ASP A 143 7.71 28.11 7.32
C ASP A 143 6.76 27.64 6.23
N PHE A 144 6.85 26.36 5.89
CA PHE A 144 6.07 25.78 4.80
C PHE A 144 5.84 24.30 5.10
N PRO A 145 4.84 24.00 5.96
CA PRO A 145 4.51 22.65 6.41
C PRO A 145 4.34 21.62 5.29
N ASP A 146 3.60 21.96 4.23
CA ASP A 146 3.42 21.02 3.11
C ASP A 146 4.76 20.63 2.50
N ALA A 147 5.61 21.62 2.26
CA ALA A 147 6.90 21.38 1.62
C ALA A 147 7.82 20.57 2.52
N TYR A 148 7.82 20.90 3.81
CA TYR A 148 8.70 20.21 4.75
C TYR A 148 8.30 18.76 4.97
N CYS A 149 7.00 18.52 5.14
CA CYS A 149 6.51 17.18 5.43
C CYS A 149 6.64 16.24 4.23
N ASN A 150 6.42 16.78 3.03
CA ASN A 150 6.58 15.98 1.83
C ASN A 150 8.05 15.75 1.49
N LEU A 151 8.89 16.72 1.83
CA LEU A 151 10.32 16.52 1.73
C LEU A 151 10.74 15.38 2.67
N ALA A 152 10.22 15.41 3.88
CA ALA A 152 10.54 14.39 4.88
C ALA A 152 10.19 12.99 4.37
N HIS A 153 9.09 12.89 3.62
CA HIS A 153 8.70 11.60 3.07
C HIS A 153 9.60 11.20 1.90
N CYS A 154 10.06 12.18 1.13
CA CYS A 154 11.03 11.92 0.06
C CYS A 154 12.30 11.33 0.63
N LEU A 155 12.80 11.95 1.70
CA LEU A 155 14.02 11.50 2.35
C LEU A 155 13.82 10.10 2.95
N GLN A 156 12.60 9.82 3.41
CA GLN A 156 12.28 8.51 3.97
C GLN A 156 12.36 7.44 2.88
N ILE A 157 11.77 7.74 1.72
CA ILE A 157 11.77 6.84 0.57
C ILE A 157 13.17 6.38 0.15
N VAL A 158 14.12 7.29 0.16
CA VAL A 158 15.48 6.98 -0.30
C VAL A 158 16.44 6.75 0.86
N CYS A 159 15.89 6.63 2.06
CA CYS A 159 16.67 6.37 3.26
C CYS A 159 17.75 7.40 3.53
N ASP A 160 17.43 8.67 3.27
CA ASP A 160 18.26 9.76 3.69
C ASP A 160 17.92 10.09 5.15
N TRP A 161 18.87 9.83 6.05
CA TRP A 161 18.61 10.00 7.47
C TRP A 161 19.40 11.15 8.09
N THR A 162 19.82 12.09 7.26
CA THR A 162 20.55 13.27 7.72
CA THR A 162 20.55 13.27 7.74
C THR A 162 19.69 14.07 8.70
N ASP A 163 20.18 14.23 9.93
CA ASP A 163 19.46 14.95 10.99
C ASP A 163 18.07 14.39 11.19
N TYR A 164 17.98 13.07 11.17
CA TYR A 164 16.71 12.37 11.28
C TYR A 164 15.96 12.71 12.56
N ASP A 165 16.69 12.80 13.67
CA ASP A 165 16.09 13.10 14.96
C ASP A 165 15.47 14.50 14.99
N GLU A 166 16.13 15.47 14.36
CA GLU A 166 15.60 16.83 14.31
C GLU A 166 14.40 16.89 13.36
N ARG A 167 14.41 16.01 12.36
CA ARG A 167 13.33 15.92 11.39
C ARG A 167 12.04 15.42 12.04
N MET A 168 12.14 14.38 12.86
CA MET A 168 10.97 13.85 13.56
C MET A 168 10.40 14.91 14.50
N LYS A 169 11.28 15.52 15.30
CA LYS A 169 10.92 16.60 16.20
C LYS A 169 10.12 17.70 15.49
N LYS A 170 10.61 18.09 14.31
CA LYS A 170 9.95 19.12 13.52
C LYS A 170 8.58 18.65 13.00
N LEU A 171 8.53 17.42 12.49
CA LEU A 171 7.29 16.85 11.97
C LEU A 171 6.17 16.86 13.02
N VAL A 172 6.51 16.37 14.21
CA VAL A 172 5.53 16.29 15.29
C VAL A 172 5.03 17.67 15.69
N SER A 173 5.95 18.64 15.79
CA SER A 173 5.57 19.99 16.19
C SER A 173 4.67 20.63 15.14
N ILE A 174 4.96 20.35 13.87
CA ILE A 174 4.13 20.81 12.76
C ILE A 174 2.70 20.27 12.87
N VAL A 175 2.59 18.96 13.08
CA VAL A 175 1.27 18.33 13.24
C VAL A 175 0.55 18.90 14.47
N ALA A 176 1.28 19.03 15.57
CA ALA A 176 0.72 19.59 16.80
C ALA A 176 0.14 20.98 16.57
N ASP A 177 0.93 21.87 15.98
CA ASP A 177 0.48 23.23 15.72
C ASP A 177 -0.68 23.25 14.74
N GLN A 178 -0.64 22.36 13.76
CA GLN A 178 -1.70 22.28 12.76
C GLN A 178 -3.02 21.77 13.34
N LEU A 179 -2.94 20.81 14.25
CA LEU A 179 -4.15 20.28 14.89
C LEU A 179 -4.76 21.30 15.85
N GLU A 180 -3.90 22.02 16.57
CA GLU A 180 -4.38 23.03 17.51
C GLU A 180 -5.11 24.15 16.78
N LYS A 181 -4.54 24.57 15.64
CA LYS A 181 -5.11 25.66 14.87
C LYS A 181 -6.15 25.18 13.87
N ASN A 182 -6.54 23.92 13.99
CA ASN A 182 -7.56 23.33 13.13
C ASN A 182 -7.27 23.46 11.64
N ARG A 183 -6.11 22.94 11.24
CA ARG A 183 -5.74 22.88 9.83
C ARG A 183 -5.71 21.43 9.35
N LEU A 184 -5.69 21.24 8.04
CA LEU A 184 -5.45 19.93 7.46
C LEU A 184 -3.97 19.61 7.61
N PRO A 185 -3.63 18.63 8.46
CA PRO A 185 -2.24 18.28 8.74
C PRO A 185 -1.47 17.96 7.47
N SER A 186 -0.26 18.49 7.35
CA SER A 186 0.58 18.29 6.17
C SER A 186 1.10 16.85 6.07
N VAL A 187 0.98 16.09 7.14
CA VAL A 187 1.33 14.68 7.14
C VAL A 187 0.14 13.86 6.70
N HIS A 188 0.30 13.08 5.63
CA HIS A 188 -0.75 12.21 5.12
C HIS A 188 -1.07 11.12 6.14
N PRO A 189 -2.33 10.68 6.22
CA PRO A 189 -2.73 9.61 7.14
C PRO A 189 -1.86 8.35 7.04
N HIS A 190 -1.53 7.93 5.83
CA HIS A 190 -0.72 6.72 5.68
C HIS A 190 0.72 6.93 6.16
N HIS A 191 1.23 8.13 5.95
CA HIS A 191 2.61 8.42 6.30
C HIS A 191 2.79 8.57 7.82
N SER A 192 1.69 8.79 8.53
CA SER A 192 1.75 9.08 9.97
C SER A 192 2.20 7.88 10.80
N MET A 193 2.17 6.70 10.19
CA MET A 193 2.61 5.47 10.85
C MET A 193 4.15 5.44 10.97
N LEU A 194 4.82 6.24 10.15
CA LEU A 194 6.28 6.19 10.06
C LEU A 194 6.97 7.13 11.02
N TYR A 195 6.20 8.02 11.63
CA TYR A 195 6.75 9.06 12.49
C TYR A 195 6.33 8.85 13.94
N PRO A 196 7.17 9.28 14.89
CA PRO A 196 6.88 9.05 16.31
C PRO A 196 5.78 9.97 16.84
N LEU A 197 4.59 9.86 16.27
CA LEU A 197 3.43 10.64 16.68
C LEU A 197 2.59 9.81 17.65
N SER A 198 1.85 10.48 18.53
CA SER A 198 0.97 9.78 19.44
C SER A 198 -0.18 9.15 18.65
N HIS A 199 -0.86 8.19 19.24
CA HIS A 199 -2.01 7.58 18.58
C HIS A 199 -3.10 8.62 18.38
N GLY A 200 -3.20 9.54 19.33
CA GLY A 200 -4.18 10.62 19.26
C GLY A 200 -3.98 11.50 18.04
N PHE A 201 -2.73 11.82 17.75
CA PHE A 201 -2.42 12.64 16.58
C PHE A 201 -2.71 11.89 15.29
N ARG A 202 -2.40 10.60 15.26
CA ARG A 202 -2.62 9.79 14.06
C ARG A 202 -4.08 9.68 13.68
N LYS A 203 -4.94 9.47 14.67
CA LYS A 203 -6.37 9.35 14.42
C LYS A 203 -6.96 10.71 14.05
N ALA A 204 -6.40 11.76 14.62
CA ALA A 204 -6.84 13.12 14.32
C ALA A 204 -6.50 13.45 12.88
N ILE A 205 -5.30 13.08 12.45
CA ILE A 205 -4.86 13.27 11.08
C ILE A 205 -5.81 12.57 10.10
N ALA A 206 -6.19 11.36 10.45
CA ALA A 206 -7.10 10.59 9.60
C ALA A 206 -8.49 11.24 9.56
N GLU A 207 -8.94 11.75 10.71
CA GLU A 207 -10.23 12.41 10.80
C GLU A 207 -10.32 13.66 9.91
N ARG A 208 -9.25 14.44 9.87
CA ARG A 208 -9.24 15.67 9.07
C ARG A 208 -9.32 15.34 7.59
N HIS A 209 -8.61 14.31 7.16
CA HIS A 209 -8.67 13.90 5.76
C HIS A 209 -10.03 13.34 5.39
N GLY A 210 -10.69 12.72 6.38
CA GLY A 210 -12.07 12.31 6.22
C GLY A 210 -12.99 13.49 6.00
N ASN A 211 -12.68 14.63 6.62
CA ASN A 211 -13.49 15.83 6.48
C ASN A 211 -13.50 16.38 5.05
N LEU A 212 -12.40 16.18 4.34
CA LEU A 212 -12.31 16.62 2.95
C LEU A 212 -13.41 16.02 2.10
N CYS A 213 -13.78 14.78 2.42
CA CYS A 213 -14.85 14.09 1.72
C CYS A 213 -16.22 14.69 2.03
N LEU A 214 -16.36 15.21 3.25
CA LEU A 214 -17.62 15.83 3.65
C LEU A 214 -17.83 17.14 2.91
N ASP A 215 -16.73 17.84 2.62
CA ASP A 215 -16.82 19.08 1.85
C ASP A 215 -17.35 18.80 0.45
N LYS A 216 -16.95 17.67 -0.12
CA LYS A 216 -17.32 17.32 -1.49
C LYS A 216 -18.73 16.78 -1.63
N ILE A 217 -19.34 16.33 -0.54
CA ILE A 217 -20.70 15.78 -0.61
C ILE A 217 -21.77 16.72 -0.08
N ASN A 218 -21.36 17.74 0.68
CA ASN A 218 -22.32 18.70 1.20
C ASN A 218 -22.97 19.48 0.08
N VAL A 219 -22.20 19.76 -0.98
CA VAL A 219 -22.71 20.50 -2.12
C VAL A 219 -23.75 19.69 -2.88
N LEU A 220 -23.71 18.37 -2.74
CA LEU A 220 -24.67 17.49 -3.40
C LEU A 220 -26.06 17.66 -2.81
N HIS A 221 -26.12 18.01 -1.53
CA HIS A 221 -27.38 18.23 -0.81
C HIS A 221 -28.33 17.04 -0.88
N LYS A 222 -27.78 15.83 -0.79
CA LYS A 222 -28.59 14.62 -0.83
C LYS A 222 -29.14 14.31 0.55
N PRO A 223 -30.37 13.79 0.61
CA PRO A 223 -30.98 13.39 1.88
C PRO A 223 -30.39 12.07 2.35
N PRO A 224 -30.54 11.76 3.65
CA PRO A 224 -30.11 10.48 4.18
C PRO A 224 -30.84 9.34 3.48
N TYR A 225 -30.10 8.26 3.17
CA TYR A 225 -30.70 7.10 2.52
C TYR A 225 -31.48 6.25 3.52
N GLU A 226 -32.60 5.69 3.07
CA GLU A 226 -33.29 4.69 3.86
C GLU A 226 -32.54 3.37 3.72
N HIS A 227 -32.51 2.58 4.79
CA HIS A 227 -31.75 1.33 4.78
C HIS A 227 -32.64 0.14 5.08
N PRO A 228 -32.36 -1.01 4.45
CA PRO A 228 -33.10 -2.26 4.68
C PRO A 228 -33.00 -2.71 6.14
N LYS A 229 -34.11 -3.13 6.72
CA LYS A 229 -34.13 -3.63 8.09
C LYS A 229 -34.33 -5.15 8.13
N ASP A 230 -34.33 -5.77 6.96
CA ASP A 230 -34.46 -7.21 6.86
C ASP A 230 -33.78 -7.75 5.60
N LEU A 231 -33.87 -9.06 5.39
CA LEU A 231 -33.29 -9.69 4.21
C LEU A 231 -34.38 -10.27 3.32
N LYS A 232 -35.55 -9.63 3.35
CA LYS A 232 -36.72 -10.14 2.62
C LYS A 232 -36.70 -9.79 1.13
N LEU A 233 -36.18 -8.63 0.79
CA LEU A 233 -36.04 -8.23 -0.60
C LEU A 233 -34.98 -9.08 -1.30
N SER A 234 -34.07 -9.64 -0.51
CA SER A 234 -32.93 -10.36 -1.06
C SER A 234 -33.04 -11.87 -0.83
N ASP A 235 -34.26 -12.35 -0.62
CA ASP A 235 -34.53 -13.78 -0.44
C ASP A 235 -33.70 -14.40 0.68
N GLY A 236 -33.45 -13.63 1.74
CA GLY A 236 -32.70 -14.13 2.88
C GLY A 236 -31.20 -14.08 2.69
N ARG A 237 -30.76 -13.53 1.56
CA ARG A 237 -29.33 -13.40 1.29
C ARG A 237 -28.83 -12.04 1.76
N LEU A 238 -27.67 -12.03 2.39
CA LEU A 238 -27.05 -10.77 2.79
C LEU A 238 -26.32 -10.17 1.59
N ARG A 239 -26.68 -8.94 1.23
CA ARG A 239 -26.07 -8.28 0.08
C ARG A 239 -24.81 -7.50 0.49
N VAL A 240 -23.65 -8.00 0.04
CA VAL A 240 -22.38 -7.40 0.41
C VAL A 240 -21.75 -6.71 -0.80
N GLY A 241 -21.36 -5.45 -0.62
CA GLY A 241 -20.70 -4.71 -1.67
C GLY A 241 -19.24 -4.40 -1.35
N TYR A 242 -18.34 -4.86 -2.22
CA TYR A 242 -16.92 -4.55 -2.07
C TYR A 242 -16.53 -3.40 -2.99
N VAL A 243 -16.07 -2.31 -2.41
CA VAL A 243 -15.69 -1.13 -3.18
C VAL A 243 -14.17 -0.98 -3.24
N SER A 244 -13.63 -1.01 -4.45
CA SER A 244 -12.18 -0.93 -4.64
C SER A 244 -11.78 -0.29 -5.96
N SER A 245 -10.70 0.48 -5.93
CA SER A 245 -10.11 1.00 -7.15
C SER A 245 -9.03 0.04 -7.62
N ASP A 246 -8.90 -1.08 -6.92
CA ASP A 246 -7.79 -2.00 -7.16
C ASP A 246 -8.20 -3.38 -7.65
N PHE A 247 -9.30 -3.47 -8.38
CA PHE A 247 -9.68 -4.70 -9.05
C PHE A 247 -8.89 -4.80 -10.36
N GLY A 248 -7.74 -5.46 -10.29
CA GLY A 248 -6.82 -5.54 -11.41
C GLY A 248 -5.44 -5.90 -10.90
N ASN A 249 -4.40 -5.52 -11.64
CA ASN A 249 -3.04 -5.84 -11.22
C ASN A 249 -2.58 -4.91 -10.10
N HIS A 250 -2.98 -5.26 -8.88
CA HIS A 250 -2.65 -4.48 -7.69
C HIS A 250 -2.52 -5.46 -6.53
N PRO A 251 -1.66 -5.14 -5.54
CA PRO A 251 -1.48 -6.01 -4.38
C PRO A 251 -2.80 -6.47 -3.75
N THR A 252 -3.82 -5.61 -3.78
CA THR A 252 -5.12 -5.94 -3.22
C THR A 252 -5.78 -7.16 -3.88
N SER A 253 -5.86 -7.14 -5.20
CA SER A 253 -6.40 -8.27 -5.93
C SER A 253 -5.53 -9.52 -5.74
N HIS A 254 -4.22 -9.31 -5.64
CA HIS A 254 -3.30 -10.40 -5.38
C HIS A 254 -3.60 -11.09 -4.06
N LEU A 255 -4.35 -10.41 -3.19
CA LEU A 255 -4.70 -10.96 -1.88
C LEU A 255 -6.07 -11.64 -1.86
N MET A 256 -7.07 -10.98 -2.45
CA MET A 256 -8.46 -11.40 -2.23
C MET A 256 -9.28 -11.72 -3.48
N GLN A 257 -8.62 -11.84 -4.63
CA GLN A 257 -9.35 -12.05 -5.88
C GLN A 257 -10.21 -13.31 -5.90
N SER A 258 -9.96 -14.24 -4.99
CA SER A 258 -10.73 -15.48 -4.92
C SER A 258 -11.94 -15.35 -4.00
N ILE A 259 -11.91 -14.37 -3.12
CA ILE A 259 -12.95 -14.22 -2.09
C ILE A 259 -14.40 -14.02 -2.59
N PRO A 260 -14.62 -13.12 -3.57
CA PRO A 260 -15.99 -12.95 -4.08
C PRO A 260 -16.63 -14.23 -4.60
N GLY A 261 -15.82 -15.12 -5.16
CA GLY A 261 -16.31 -16.39 -5.66
C GLY A 261 -16.47 -17.47 -4.61
N MET A 262 -15.74 -17.34 -3.50
CA MET A 262 -15.81 -18.32 -2.42
C MET A 262 -17.08 -18.14 -1.58
N HIS A 263 -17.66 -16.94 -1.66
CA HIS A 263 -18.85 -16.63 -0.88
C HIS A 263 -19.99 -17.60 -1.16
N ASN A 264 -20.75 -17.90 -0.11
CA ASN A 264 -21.89 -18.80 -0.19
C ASN A 264 -23.07 -18.13 -0.88
N PRO A 265 -23.37 -18.56 -2.12
CA PRO A 265 -24.45 -17.94 -2.90
C PRO A 265 -25.84 -18.23 -2.33
N ASP A 266 -25.94 -19.15 -1.38
CA ASP A 266 -27.22 -19.42 -0.74
C ASP A 266 -27.53 -18.42 0.37
N LYS A 267 -26.48 -17.80 0.91
CA LYS A 267 -26.65 -16.87 2.03
C LYS A 267 -26.17 -15.46 1.70
N PHE A 268 -25.34 -15.34 0.65
CA PHE A 268 -24.72 -14.06 0.32
C PHE A 268 -24.82 -13.71 -1.15
N GLU A 269 -25.05 -12.43 -1.43
CA GLU A 269 -25.05 -11.92 -2.79
C GLU A 269 -23.95 -10.87 -2.91
N VAL A 270 -22.95 -11.16 -3.74
CA VAL A 270 -21.76 -10.34 -3.80
C VAL A 270 -21.81 -9.31 -4.92
N PHE A 271 -21.66 -8.04 -4.54
CA PHE A 271 -21.60 -6.94 -5.49
C PHE A 271 -20.19 -6.35 -5.43
N CYS A 272 -19.49 -6.34 -6.55
CA CYS A 272 -18.19 -5.67 -6.60
C CYS A 272 -18.31 -4.33 -7.32
N TYR A 273 -17.94 -3.26 -6.61
CA TYR A 273 -17.96 -1.92 -7.19
C TYR A 273 -16.54 -1.45 -7.48
N ALA A 274 -16.21 -1.38 -8.77
CA ALA A 274 -14.86 -0.97 -9.19
C ALA A 274 -14.77 0.53 -9.38
N LEU A 275 -13.76 1.14 -8.75
CA LEU A 275 -13.56 2.57 -8.88
C LEU A 275 -12.58 2.89 -10.01
N SER A 276 -12.05 1.84 -10.63
CA SER A 276 -11.08 2.00 -11.72
C SER A 276 -11.54 1.27 -12.98
N PRO A 277 -11.09 1.77 -14.15
CA PRO A 277 -11.41 1.10 -15.41
C PRO A 277 -10.68 -0.25 -15.56
N ASP A 278 -11.13 -1.04 -16.54
CA ASP A 278 -10.57 -2.36 -16.80
C ASP A 278 -9.16 -2.25 -17.36
N ASP A 279 -8.21 -2.91 -16.71
CA ASP A 279 -6.82 -2.89 -17.18
C ASP A 279 -6.46 -4.10 -18.04
N GLY A 280 -7.43 -4.99 -18.24
CA GLY A 280 -7.25 -6.12 -19.15
C GLY A 280 -6.55 -7.33 -18.57
N THR A 281 -6.21 -7.27 -17.28
CA THR A 281 -5.53 -8.38 -16.63
C THR A 281 -6.51 -9.47 -16.20
N ASN A 282 -5.99 -10.69 -16.02
CA ASN A 282 -6.79 -11.83 -15.55
C ASN A 282 -7.33 -11.59 -14.14
N PHE A 283 -6.67 -10.70 -13.40
CA PHE A 283 -7.12 -10.31 -12.07
C PHE A 283 -8.49 -9.64 -12.15
N ARG A 284 -8.61 -8.68 -13.06
CA ARG A 284 -9.88 -7.99 -13.30
C ARG A 284 -10.92 -8.95 -13.87
N VAL A 285 -10.47 -9.87 -14.72
CA VAL A 285 -11.38 -10.83 -15.35
C VAL A 285 -12.01 -11.75 -14.31
N LYS A 286 -11.19 -12.24 -13.39
CA LYS A 286 -11.65 -13.19 -12.38
C LYS A 286 -12.76 -12.60 -11.51
N VAL A 287 -12.51 -11.41 -10.96
CA VAL A 287 -13.48 -10.76 -10.09
C VAL A 287 -14.79 -10.46 -10.82
N MET A 288 -14.68 -9.96 -12.05
CA MET A 288 -15.84 -9.68 -12.88
C MET A 288 -16.66 -10.95 -13.13
N ALA A 289 -15.98 -12.07 -13.23
CA ALA A 289 -16.62 -13.34 -13.57
C ALA A 289 -17.23 -14.04 -12.36
N GLU A 290 -16.55 -13.95 -11.22
CA GLU A 290 -16.95 -14.74 -10.06
C GLU A 290 -17.88 -14.00 -9.09
N ALA A 291 -17.89 -12.67 -9.16
CA ALA A 291 -18.84 -11.90 -8.35
C ALA A 291 -20.23 -12.05 -8.95
N ASN A 292 -21.25 -12.05 -8.09
CA ASN A 292 -22.64 -12.12 -8.55
C ASN A 292 -22.99 -10.91 -9.40
N HIS A 293 -22.52 -9.74 -8.97
CA HIS A 293 -22.74 -8.51 -9.71
C HIS A 293 -21.47 -7.67 -9.71
N PHE A 294 -21.07 -7.21 -10.90
CA PHE A 294 -19.91 -6.35 -11.05
C PHE A 294 -20.33 -5.01 -11.64
N ILE A 295 -20.02 -3.93 -10.93
CA ILE A 295 -20.43 -2.59 -11.33
C ILE A 295 -19.22 -1.68 -11.49
N ASP A 296 -19.08 -1.10 -12.67
CA ASP A 296 -17.96 -0.22 -12.96
C ASP A 296 -18.31 1.24 -12.63
N LEU A 297 -17.93 1.68 -11.43
CA LEU A 297 -18.27 3.02 -10.96
C LEU A 297 -17.41 4.11 -11.61
N SER A 298 -16.39 3.69 -12.36
CA SER A 298 -15.57 4.64 -13.10
C SER A 298 -16.35 5.17 -14.30
N GLN A 299 -17.53 4.59 -14.54
CA GLN A 299 -18.45 5.06 -15.55
C GLN A 299 -19.36 6.12 -14.95
N ILE A 300 -19.44 6.13 -13.62
CA ILE A 300 -20.30 7.05 -12.91
C ILE A 300 -19.46 7.95 -12.00
N PRO A 301 -18.83 8.99 -12.59
CA PRO A 301 -17.91 9.85 -11.87
C PRO A 301 -18.59 10.75 -10.83
N CYS A 302 -19.90 10.95 -10.96
CA CYS A 302 -20.61 11.71 -9.94
C CYS A 302 -20.88 10.84 -8.73
N ASN A 303 -20.35 11.26 -7.59
CA ASN A 303 -20.51 10.51 -6.36
C ASN A 303 -21.97 10.41 -5.92
N GLY A 304 -22.75 11.42 -6.26
CA GLY A 304 -24.18 11.40 -6.00
C GLY A 304 -24.88 10.28 -6.74
N LYS A 305 -24.61 10.18 -8.04
CA LYS A 305 -25.20 9.13 -8.86
C LYS A 305 -24.64 7.76 -8.52
N ALA A 306 -23.36 7.72 -8.18
CA ALA A 306 -22.69 6.48 -7.83
C ALA A 306 -23.26 5.89 -6.54
N ALA A 307 -23.37 6.73 -5.52
CA ALA A 307 -23.94 6.30 -4.24
C ALA A 307 -25.40 5.90 -4.41
N ASP A 308 -26.10 6.59 -5.31
CA ASP A 308 -27.46 6.24 -5.68
C ASP A 308 -27.53 4.81 -6.21
N ARG A 309 -26.54 4.44 -7.01
CA ARG A 309 -26.48 3.12 -7.61
C ARG A 309 -26.31 2.03 -6.56
N ILE A 310 -25.35 2.22 -5.67
CA ILE A 310 -25.11 1.29 -4.58
C ILE A 310 -26.39 1.06 -3.78
N HIS A 311 -27.07 2.15 -3.48
CA HIS A 311 -28.31 2.11 -2.71
C HIS A 311 -29.45 1.36 -3.42
N GLN A 312 -29.51 1.51 -4.74
CA GLN A 312 -30.52 0.80 -5.54
C GLN A 312 -30.32 -0.72 -5.48
N ASP A 313 -29.07 -1.14 -5.35
CA ASP A 313 -28.76 -2.57 -5.24
C ASP A 313 -29.20 -3.13 -3.90
N GLY A 314 -29.44 -2.25 -2.93
CA GLY A 314 -29.93 -2.64 -1.62
C GLY A 314 -28.86 -3.28 -0.76
N ILE A 315 -27.66 -2.71 -0.80
CA ILE A 315 -26.51 -3.24 -0.05
C ILE A 315 -26.71 -3.15 1.46
N HIS A 316 -26.53 -4.28 2.15
CA HIS A 316 -26.55 -4.31 3.61
C HIS A 316 -25.20 -3.89 4.18
N ILE A 317 -24.13 -4.53 3.72
CA ILE A 317 -22.79 -4.21 4.19
C ILE A 317 -21.90 -3.74 3.05
N LEU A 318 -21.44 -2.50 3.14
CA LEU A 318 -20.54 -1.92 2.15
C LEU A 318 -19.12 -1.91 2.68
N VAL A 319 -18.18 -2.43 1.90
CA VAL A 319 -16.81 -2.63 2.37
C VAL A 319 -15.80 -1.70 1.69
N ASN A 320 -15.06 -0.94 2.50
CA ASN A 320 -14.04 -0.02 2.01
C ASN A 320 -12.67 -0.69 1.94
N MET A 321 -12.16 -0.88 0.73
CA MET A 321 -10.89 -1.55 0.53
C MET A 321 -9.78 -0.58 0.13
N ASN A 322 -10.08 0.72 0.14
CA ASN A 322 -9.08 1.72 -0.25
C ASN A 322 -8.50 2.49 0.92
N GLY A 323 -9.37 3.01 1.77
CA GLY A 323 -8.94 3.92 2.81
C GLY A 323 -8.38 5.15 2.16
N TYR A 324 -7.30 5.70 2.73
CA TYR A 324 -6.68 6.89 2.17
C TYR A 324 -5.55 6.52 1.22
N THR A 325 -5.92 5.91 0.10
CA THR A 325 -4.98 5.55 -0.95
C THR A 325 -5.46 6.09 -2.29
N LYS A 326 -4.62 5.99 -3.31
CA LYS A 326 -4.99 6.52 -4.62
C LYS A 326 -6.15 5.74 -5.21
N GLY A 327 -7.06 6.44 -5.87
CA GLY A 327 -8.21 5.82 -6.49
C GLY A 327 -9.43 5.79 -5.60
N ALA A 328 -9.24 6.15 -4.33
CA ALA A 328 -10.32 6.14 -3.37
C ALA A 328 -11.42 7.13 -3.71
N ARG A 329 -12.66 6.72 -3.49
CA ARG A 329 -13.79 7.63 -3.55
C ARG A 329 -14.57 7.48 -2.25
N ASN A 330 -13.97 7.97 -1.17
CA ASN A 330 -14.56 7.84 0.16
C ASN A 330 -15.82 8.68 0.35
N GLU A 331 -16.11 9.52 -0.63
CA GLU A 331 -17.36 10.28 -0.65
C GLU A 331 -18.54 9.33 -0.72
N LEU A 332 -18.34 8.18 -1.37
CA LEU A 332 -19.37 7.16 -1.47
C LEU A 332 -19.78 6.65 -0.08
N PHE A 333 -18.79 6.45 0.78
CA PHE A 333 -19.05 6.00 2.13
C PHE A 333 -19.57 7.14 3.02
N ALA A 334 -19.19 8.36 2.69
CA ALA A 334 -19.63 9.52 3.47
C ALA A 334 -21.12 9.78 3.28
N LEU A 335 -21.66 9.29 2.16
CA LEU A 335 -23.08 9.47 1.86
C LEU A 335 -23.95 8.40 2.51
N ARG A 336 -23.30 7.42 3.15
CA ARG A 336 -23.98 6.29 3.80
C ARG A 336 -25.13 5.64 3.01
N PRO A 337 -24.81 5.00 1.87
CA PRO A 337 -25.85 4.30 1.11
C PRO A 337 -26.18 2.94 1.71
N ALA A 338 -25.32 2.45 2.61
CA ALA A 338 -25.55 1.17 3.28
C ALA A 338 -25.64 1.38 4.79
N PRO A 339 -26.42 0.53 5.48
CA PRO A 339 -26.58 0.65 6.93
C PRO A 339 -25.36 0.21 7.72
N ILE A 340 -24.47 -0.56 7.09
CA ILE A 340 -23.25 -1.04 7.74
C ILE A 340 -22.06 -0.87 6.80
N GLN A 341 -21.07 -0.10 7.24
CA GLN A 341 -19.90 0.17 6.41
C GLN A 341 -18.61 -0.18 7.15
N ALA A 342 -17.78 -1.01 6.53
CA ALA A 342 -16.58 -1.52 7.18
C ALA A 342 -15.30 -1.38 6.36
N MET A 343 -14.21 -1.08 7.04
CA MET A 343 -12.88 -1.02 6.43
C MET A 343 -12.28 -2.42 6.37
N TRP A 344 -11.68 -2.77 5.24
CA TRP A 344 -11.13 -4.11 5.09
C TRP A 344 -9.90 -4.22 4.20
N LEU A 345 -8.80 -4.71 4.77
CA LEU A 345 -7.64 -5.23 4.05
C LEU A 345 -6.77 -4.20 3.32
N GLY A 346 -7.41 -3.27 2.61
CA GLY A 346 -6.68 -2.35 1.75
C GLY A 346 -5.85 -1.31 2.47
N TYR A 347 -6.39 -0.75 3.54
CA TYR A 347 -5.73 0.34 4.23
C TYR A 347 -5.35 -0.07 5.65
N PRO A 348 -4.04 -0.01 5.95
CA PRO A 348 -3.52 -0.43 7.26
C PRO A 348 -3.64 0.65 8.34
N GLY A 349 -4.87 1.07 8.63
CA GLY A 349 -5.09 2.09 9.65
C GLY A 349 -6.54 2.50 9.76
N THR A 350 -6.83 3.41 10.68
CA THR A 350 -8.20 3.88 10.88
C THR A 350 -8.57 4.93 9.85
N SER A 351 -9.85 5.01 9.53
CA SER A 351 -10.36 6.05 8.65
C SER A 351 -10.50 7.35 9.42
N GLY A 352 -10.68 7.24 10.73
CA GLY A 352 -10.86 8.39 11.59
C GLY A 352 -12.21 9.05 11.38
N ALA A 353 -13.03 8.41 10.55
CA ALA A 353 -14.27 9.00 10.07
C ALA A 353 -15.50 8.37 10.69
N LEU A 354 -16.54 9.18 10.89
CA LEU A 354 -17.78 8.71 11.46
C LEU A 354 -18.59 7.86 10.49
N PHE A 355 -18.37 8.07 9.20
CA PHE A 355 -19.13 7.31 8.21
C PHE A 355 -18.65 5.86 8.03
N MET A 356 -17.62 5.48 8.79
CA MET A 356 -17.22 4.09 8.86
C MET A 356 -17.62 3.52 10.22
N ASP A 357 -18.13 2.28 10.21
CA ASP A 357 -18.64 1.66 11.41
C ASP A 357 -17.66 0.67 12.02
N TYR A 358 -17.07 -0.17 11.18
CA TYR A 358 -16.15 -1.19 11.66
C TYR A 358 -14.84 -1.19 10.88
N ILE A 359 -13.78 -1.65 11.55
CA ILE A 359 -12.58 -2.06 10.85
C ILE A 359 -12.39 -3.54 11.09
N ILE A 360 -12.29 -4.31 10.02
CA ILE A 360 -12.13 -5.75 10.13
C ILE A 360 -10.66 -6.07 10.39
N THR A 361 -10.39 -6.60 11.57
CA THR A 361 -9.01 -6.84 12.01
C THR A 361 -8.97 -8.13 12.83
N ASP A 362 -8.03 -8.25 13.76
CA ASP A 362 -7.98 -9.40 14.65
C ASP A 362 -7.32 -9.04 15.98
N GLN A 363 -7.42 -9.96 16.94
CA GLN A 363 -6.93 -9.72 18.29
C GLN A 363 -5.43 -9.44 18.33
N GLU A 364 -4.67 -10.15 17.50
CA GLU A 364 -3.22 -9.97 17.45
C GLU A 364 -2.85 -8.65 16.80
N THR A 365 -3.51 -8.33 15.69
CA THR A 365 -3.26 -7.09 14.97
C THR A 365 -3.73 -5.87 15.75
N SER A 366 -4.95 -5.93 16.27
CA SER A 366 -5.53 -4.81 16.98
C SER A 366 -6.08 -5.24 18.33
N PRO A 367 -5.20 -5.38 19.33
CA PRO A 367 -5.58 -5.76 20.69
C PRO A 367 -6.50 -4.72 21.31
N ALA A 368 -7.31 -5.13 22.29
CA ALA A 368 -8.25 -4.23 22.94
C ALA A 368 -7.56 -3.05 23.62
N GLU A 369 -6.36 -3.29 24.14
CA GLU A 369 -5.61 -2.28 24.87
C GLU A 369 -5.16 -1.10 24.00
N VAL A 370 -5.22 -1.28 22.68
CA VAL A 370 -4.85 -0.19 21.77
C VAL A 370 -6.01 0.22 20.87
N ALA A 371 -7.23 -0.16 21.27
CA ALA A 371 -8.43 0.16 20.50
C ALA A 371 -8.64 1.67 20.38
N GLU A 372 -7.99 2.42 21.25
CA GLU A 372 -8.08 3.88 21.29
C GLU A 372 -7.65 4.53 19.98
N GLN A 373 -6.75 3.88 19.25
CA GLN A 373 -6.19 4.46 18.03
C GLN A 373 -7.12 4.37 16.83
N TYR A 374 -8.21 3.61 16.96
CA TYR A 374 -9.19 3.49 15.89
C TYR A 374 -10.45 4.28 16.22
N SER A 375 -11.11 4.79 15.18
CA SER A 375 -12.38 5.48 15.36
C SER A 375 -13.52 4.49 15.16
N GLU A 376 -13.26 3.44 14.38
CA GLU A 376 -14.24 2.39 14.14
C GLU A 376 -14.34 1.46 15.33
N LYS A 377 -15.39 0.63 15.33
CA LYS A 377 -15.49 -0.47 16.27
C LYS A 377 -14.68 -1.64 15.73
N LEU A 378 -14.04 -2.39 16.61
CA LEU A 378 -13.22 -3.51 16.17
C LEU A 378 -14.09 -4.70 15.80
N ALA A 379 -13.79 -5.31 14.65
CA ALA A 379 -14.47 -6.52 14.23
C ALA A 379 -13.41 -7.60 14.01
N TYR A 380 -13.31 -8.52 14.96
CA TYR A 380 -12.26 -9.53 14.94
C TYR A 380 -12.56 -10.70 14.03
N MET A 381 -11.61 -11.01 13.15
CA MET A 381 -11.56 -12.31 12.50
C MET A 381 -10.94 -13.27 13.50
N PRO A 382 -11.29 -14.56 13.43
CA PRO A 382 -10.82 -15.51 14.46
C PRO A 382 -9.30 -15.75 14.46
N HIS A 383 -8.65 -15.60 13.31
CA HIS A 383 -7.20 -15.78 13.25
C HIS A 383 -6.52 -14.48 12.87
N THR A 384 -6.30 -14.28 11.58
CA THR A 384 -5.80 -13.01 11.09
C THR A 384 -6.75 -12.46 10.03
N PHE A 385 -6.83 -11.14 9.93
CA PHE A 385 -7.69 -10.50 8.94
C PHE A 385 -7.01 -10.56 7.57
N PHE A 386 -5.74 -10.92 7.57
CA PHE A 386 -4.97 -10.92 6.33
C PHE A 386 -5.18 -12.21 5.55
N ILE A 387 -5.09 -12.12 4.24
CA ILE A 387 -5.25 -13.29 3.38
C ILE A 387 -4.42 -13.09 2.13
N GLY A 388 -4.06 -14.20 1.48
CA GLY A 388 -3.34 -14.14 0.22
C GLY A 388 -3.90 -15.13 -0.77
N ASP A 389 -3.70 -14.86 -2.05
CA ASP A 389 -4.18 -15.77 -3.09
C ASP A 389 -3.04 -16.66 -3.60
N HIS A 390 -1.97 -16.73 -2.81
CA HIS A 390 -0.77 -17.48 -3.20
C HIS A 390 -1.03 -18.93 -3.58
N ALA A 391 -1.95 -19.59 -2.89
CA ALA A 391 -2.27 -20.99 -3.17
C ALA A 391 -2.86 -21.15 -4.57
N ASN A 392 -3.59 -20.14 -5.02
CA ASN A 392 -4.19 -20.16 -6.35
C ASN A 392 -3.23 -19.61 -7.41
N MET A 393 -2.50 -18.54 -7.06
CA MET A 393 -1.62 -17.86 -8.01
C MET A 393 -0.30 -18.60 -8.23
N PHE A 394 0.27 -19.14 -7.15
CA PHE A 394 1.56 -19.80 -7.25
C PHE A 394 1.55 -21.24 -6.72
N PRO A 395 0.70 -22.12 -7.28
CA PRO A 395 0.72 -23.49 -6.77
C PRO A 395 1.97 -24.24 -7.22
N HIS A 396 2.74 -23.66 -8.13
CA HIS A 396 3.97 -24.31 -8.60
C HIS A 396 5.08 -24.22 -7.55
N LEU A 397 4.86 -23.42 -6.52
CA LEU A 397 5.83 -23.31 -5.43
C LEU A 397 5.45 -24.20 -4.24
N LYS A 398 4.40 -25.01 -4.40
CA LYS A 398 3.99 -25.92 -3.33
C LYS A 398 5.03 -27.01 -3.09
N LYS A 399 5.58 -27.54 -4.17
CA LYS A 399 6.65 -28.55 -4.06
C LYS A 399 7.93 -28.04 -4.70
N LYS A 400 9.06 -28.60 -4.30
CA LYS A 400 10.35 -28.21 -4.88
C LYS A 400 11.38 -29.33 -4.82
N ALA A 401 12.42 -29.18 -5.63
CA ALA A 401 13.53 -30.13 -5.64
C ALA A 401 14.82 -29.35 -5.76
N VAL A 402 15.94 -29.97 -5.38
CA VAL A 402 17.24 -29.30 -5.46
C VAL A 402 18.25 -30.13 -6.22
N ILE A 403 19.35 -29.48 -6.60
CA ILE A 403 20.45 -30.15 -7.29
C ILE A 403 21.70 -30.14 -6.42
N ASP A 404 22.27 -31.31 -6.19
CA ASP A 404 23.50 -31.40 -5.40
C ASP A 404 24.71 -31.06 -6.25
N PHE A 405 25.03 -29.77 -6.30
CA PHE A 405 26.17 -29.28 -7.07
C PHE A 405 27.50 -29.55 -6.37
N LYS A 406 27.42 -30.03 -5.13
CA LYS A 406 28.62 -30.34 -4.34
C LYS A 406 29.33 -31.60 -4.86
N ILE A 411 24.08 -31.12 1.20
CA ILE A 411 22.73 -30.91 0.68
C ILE A 411 22.08 -29.63 1.23
N TYR A 412 21.95 -28.62 0.38
CA TYR A 412 21.25 -27.39 0.76
C TYR A 412 19.81 -27.41 0.28
N ASP A 413 18.94 -26.66 0.96
CA ASP A 413 17.55 -26.57 0.54
C ASP A 413 17.22 -25.27 -0.21
N ASN A 414 18.25 -24.44 -0.41
CA ASN A 414 18.04 -23.12 -0.99
C ASN A 414 19.21 -22.54 -1.77
N ARG A 415 19.98 -23.41 -2.43
CA ARG A 415 21.10 -22.94 -3.25
C ARG A 415 20.77 -23.03 -4.75
N ILE A 416 20.22 -24.16 -5.16
CA ILE A 416 19.77 -24.36 -6.53
C ILE A 416 18.41 -25.04 -6.44
N VAL A 417 17.36 -24.32 -6.82
CA VAL A 417 16.00 -24.79 -6.58
C VAL A 417 15.19 -24.96 -7.86
N LEU A 418 14.45 -26.05 -7.94
CA LEU A 418 13.53 -26.30 -9.04
C LEU A 418 12.09 -26.29 -8.54
N ASN A 419 11.20 -25.65 -9.28
CA ASN A 419 9.77 -25.69 -9.01
C ASN A 419 9.02 -25.97 -10.30
N GLY A 420 7.78 -26.42 -10.17
CA GLY A 420 6.96 -26.65 -11.36
C GLY A 420 5.71 -27.47 -11.08
N ILE A 421 4.67 -27.22 -11.87
CA ILE A 421 3.43 -27.98 -11.78
C ILE A 421 3.68 -29.44 -12.18
N ASP A 422 4.51 -29.62 -13.19
CA ASP A 422 4.83 -30.94 -13.71
C ASP A 422 6.16 -31.47 -13.17
N LEU A 423 6.61 -30.93 -12.04
CA LEU A 423 7.91 -31.29 -11.47
C LEU A 423 8.02 -32.77 -11.09
N LYS A 424 6.96 -33.31 -10.48
CA LYS A 424 6.96 -34.70 -10.05
C LYS A 424 7.09 -35.62 -11.26
N ALA A 425 6.36 -35.30 -12.32
CA ALA A 425 6.39 -36.10 -13.56
C ALA A 425 7.78 -36.13 -14.16
N PHE A 426 8.49 -35.01 -14.07
CA PHE A 426 9.84 -34.92 -14.59
C PHE A 426 10.82 -35.74 -13.77
N LEU A 427 10.66 -35.69 -12.46
CA LEU A 427 11.53 -36.43 -11.55
C LEU A 427 11.39 -37.94 -11.75
N ASP A 428 10.20 -38.38 -12.16
CA ASP A 428 9.95 -39.79 -12.42
C ASP A 428 10.75 -40.29 -13.63
N SER A 429 11.10 -39.37 -14.53
CA SER A 429 11.83 -39.74 -15.74
C SER A 429 13.33 -39.84 -15.46
N LEU A 430 13.73 -39.52 -14.23
CA LEU A 430 15.14 -39.52 -13.84
C LEU A 430 15.41 -40.68 -12.89
N PRO A 431 16.29 -41.61 -13.31
CA PRO A 431 16.51 -42.86 -12.59
C PRO A 431 17.41 -42.77 -11.36
N ASP A 432 17.85 -41.58 -10.96
CA ASP A 432 18.83 -41.49 -9.89
C ASP A 432 18.60 -40.39 -8.85
N VAL A 433 17.35 -39.96 -8.68
CA VAL A 433 17.02 -38.97 -7.66
C VAL A 433 17.10 -39.57 -6.26
N LYS A 434 17.68 -38.82 -5.32
CA LYS A 434 17.67 -39.20 -3.92
C LYS A 434 16.58 -38.42 -3.21
N ILE A 435 15.84 -39.09 -2.33
CA ILE A 435 14.79 -38.41 -1.55
C ILE A 435 15.24 -38.18 -0.12
N VAL A 436 15.73 -36.98 0.15
CA VAL A 436 16.23 -36.63 1.48
C VAL A 436 15.11 -36.37 2.47
N LYS A 437 15.08 -37.17 3.54
CA LYS A 437 14.08 -37.04 4.58
C LYS A 437 14.36 -35.80 5.41
N MET A 438 13.66 -34.71 5.10
CA MET A 438 13.86 -33.45 5.82
C MET A 438 13.09 -33.40 7.14
N LEU A 454 7.33 -32.60 4.76
CA LEU A 454 7.53 -33.31 3.48
C LEU A 454 8.99 -33.70 3.30
N ASN A 455 9.25 -34.56 2.33
CA ASN A 455 10.62 -34.92 1.95
C ASN A 455 11.05 -34.13 0.73
N MET A 456 12.35 -34.11 0.46
CA MET A 456 12.89 -33.27 -0.62
C MET A 456 13.72 -34.09 -1.61
N PRO A 457 13.27 -34.13 -2.87
CA PRO A 457 14.00 -34.79 -3.95
C PRO A 457 15.30 -34.07 -4.27
N VAL A 458 16.37 -34.83 -4.47
CA VAL A 458 17.66 -34.24 -4.81
C VAL A 458 18.22 -34.88 -6.08
N ILE A 459 18.44 -34.05 -7.10
CA ILE A 459 19.07 -34.51 -8.32
C ILE A 459 20.59 -34.50 -8.14
N PRO A 460 21.24 -35.65 -8.37
CA PRO A 460 22.70 -35.72 -8.26
C PRO A 460 23.38 -34.91 -9.35
N MET A 461 24.67 -34.66 -9.19
CA MET A 461 25.41 -33.89 -10.19
C MET A 461 25.70 -34.72 -11.43
N ASN A 462 24.66 -35.01 -12.20
CA ASN A 462 24.78 -35.80 -13.42
C ASN A 462 24.72 -34.95 -14.68
N THR A 463 24.53 -35.62 -15.82
CA THR A 463 24.45 -34.95 -17.12
C THR A 463 23.33 -33.90 -17.15
N ILE A 464 22.17 -34.28 -16.61
CA ILE A 464 21.01 -33.39 -16.58
C ILE A 464 21.24 -32.18 -15.68
N ALA A 465 21.85 -32.41 -14.53
CA ALA A 465 22.18 -31.32 -13.62
C ALA A 465 23.19 -30.35 -14.24
N GLU A 466 24.19 -30.90 -14.93
CA GLU A 466 25.18 -30.09 -15.62
C GLU A 466 24.55 -29.20 -16.68
N ALA A 467 23.56 -29.73 -17.39
CA ALA A 467 22.88 -28.98 -18.45
C ALA A 467 22.07 -27.82 -17.87
N VAL A 468 21.44 -28.07 -16.73
CA VAL A 468 20.67 -27.03 -16.04
C VAL A 468 21.58 -25.92 -15.54
N ILE A 469 22.68 -26.30 -14.93
CA ILE A 469 23.65 -25.35 -14.40
C ILE A 469 24.35 -24.57 -15.53
N GLU A 470 24.55 -25.24 -16.66
CA GLU A 470 25.10 -24.59 -17.85
C GLU A 470 24.17 -23.51 -18.37
N MET A 471 22.87 -23.77 -18.31
CA MET A 471 21.86 -22.82 -18.76
C MET A 471 21.93 -21.54 -17.94
N ILE A 472 22.01 -21.68 -16.63
CA ILE A 472 22.10 -20.54 -15.73
C ILE A 472 23.41 -19.78 -15.95
N ASN A 473 24.52 -20.51 -15.99
CA ASN A 473 25.83 -19.89 -16.19
C ASN A 473 25.99 -19.17 -17.54
N ARG A 474 25.47 -19.76 -18.60
CA ARG A 474 25.57 -19.17 -19.93
C ARG A 474 24.44 -18.18 -20.19
N GLY A 475 23.53 -18.04 -19.23
CA GLY A 475 22.41 -17.14 -19.38
C GLY A 475 21.42 -17.55 -20.46
N GLN A 476 21.25 -18.85 -20.65
CA GLN A 476 20.29 -19.34 -21.64
C GLN A 476 18.86 -19.21 -21.10
N ILE A 477 17.89 -19.11 -22.00
CA ILE A 477 16.50 -18.88 -21.59
C ILE A 477 15.82 -20.16 -21.10
N GLN A 478 15.98 -21.24 -21.86
CA GLN A 478 15.21 -22.46 -21.62
C GLN A 478 15.82 -23.66 -22.36
N ILE A 479 15.90 -24.79 -21.68
CA ILE A 479 16.31 -26.04 -22.32
C ILE A 479 15.21 -27.10 -22.21
N THR A 480 15.36 -28.18 -22.96
CA THR A 480 14.37 -29.26 -22.94
C THR A 480 15.01 -30.58 -22.54
N ILE A 481 14.45 -31.23 -21.52
CA ILE A 481 14.95 -32.51 -21.06
C ILE A 481 13.81 -33.50 -20.92
N ASN A 482 13.89 -34.59 -21.68
CA ASN A 482 12.83 -35.60 -21.72
C ASN A 482 11.48 -35.00 -22.12
N GLY A 483 11.53 -33.96 -22.95
CA GLY A 483 10.33 -33.28 -23.40
C GLY A 483 9.85 -32.22 -22.44
N PHE A 484 10.50 -32.13 -21.28
CA PHE A 484 10.15 -31.13 -20.27
C PHE A 484 10.89 -29.82 -20.50
N SER A 485 10.16 -28.71 -20.48
CA SER A 485 10.80 -27.42 -20.59
C SER A 485 11.33 -26.98 -19.23
N ILE A 486 12.63 -26.71 -19.17
CA ILE A 486 13.26 -26.18 -17.98
C ILE A 486 13.62 -24.72 -18.22
N SER A 487 13.10 -23.83 -17.39
CA SER A 487 13.23 -22.39 -17.64
C SER A 487 14.22 -21.70 -16.69
N ASN A 488 15.03 -20.81 -17.25
CA ASN A 488 15.81 -19.89 -16.45
C ASN A 488 14.87 -18.94 -15.71
N GLY A 489 14.97 -18.94 -14.38
CA GLY A 489 14.07 -18.14 -13.55
C GLY A 489 14.16 -16.65 -13.80
N LEU A 490 15.27 -16.20 -14.39
CA LEU A 490 15.47 -14.80 -14.71
C LEU A 490 14.78 -14.40 -16.02
N ALA A 491 14.30 -15.38 -16.77
CA ALA A 491 13.82 -15.12 -18.12
C ALA A 491 12.31 -15.33 -18.29
N THR A 492 11.57 -15.28 -17.19
CA THR A 492 10.14 -15.57 -17.20
C THR A 492 9.32 -14.69 -18.15
N THR A 493 9.60 -13.39 -18.15
CA THR A 493 8.84 -12.46 -18.99
C THR A 493 9.06 -12.76 -20.46
N GLN A 494 10.22 -13.30 -20.80
CA GLN A 494 10.54 -13.67 -22.17
C GLN A 494 9.80 -14.94 -22.59
N ILE A 495 9.31 -15.69 -21.60
CA ILE A 495 8.68 -16.97 -21.86
C ILE A 495 7.16 -16.87 -21.76
N ASN A 496 6.68 -16.19 -20.72
CA ASN A 496 5.25 -15.99 -20.52
C ASN A 496 4.97 -14.81 -19.60
N ASN A 497 4.65 -13.66 -20.19
CA ASN A 497 4.33 -12.45 -19.45
C ASN A 497 3.26 -12.65 -18.38
N LYS A 498 2.21 -13.35 -18.75
CA LYS A 498 1.07 -13.58 -17.86
C LYS A 498 1.49 -14.45 -16.67
N ALA A 499 2.49 -15.29 -16.88
CA ALA A 499 3.01 -16.13 -15.81
C ALA A 499 3.87 -15.32 -14.85
N ALA A 500 4.63 -14.37 -15.40
CA ALA A 500 5.53 -13.54 -14.62
C ALA A 500 4.79 -12.57 -13.71
N THR A 501 3.60 -12.13 -14.13
CA THR A 501 2.83 -11.17 -13.36
C THR A 501 1.92 -11.86 -12.36
N GLY A 502 1.76 -13.18 -12.52
CA GLY A 502 0.91 -13.94 -11.63
C GLY A 502 -0.49 -14.10 -12.18
N GLU A 503 -0.72 -13.59 -13.38
CA GLU A 503 -2.01 -13.74 -14.04
C GLU A 503 -2.28 -15.19 -14.41
N GLU A 504 -1.20 -15.95 -14.61
CA GLU A 504 -1.29 -17.35 -14.96
C GLU A 504 -0.25 -18.16 -14.21
N VAL A 505 -0.57 -19.43 -13.96
CA VAL A 505 0.37 -20.34 -13.34
C VAL A 505 1.40 -20.76 -14.40
N PRO A 506 2.69 -20.68 -14.05
CA PRO A 506 3.75 -21.12 -14.97
C PRO A 506 3.56 -22.58 -15.35
N ARG A 507 3.86 -22.93 -16.59
CA ARG A 507 3.69 -24.29 -17.08
C ARG A 507 4.98 -25.09 -17.02
N THR A 508 6.12 -24.41 -17.07
CA THR A 508 7.40 -25.09 -17.17
C THR A 508 8.07 -25.30 -15.80
N ILE A 509 9.19 -26.00 -15.81
CA ILE A 509 9.97 -26.18 -14.60
C ILE A 509 11.00 -25.07 -14.51
N ILE A 510 10.91 -24.29 -13.44
CA ILE A 510 11.75 -23.11 -13.29
C ILE A 510 12.96 -23.37 -12.40
N VAL A 511 14.10 -22.83 -12.80
CA VAL A 511 15.33 -22.94 -12.01
C VAL A 511 15.66 -21.62 -11.33
N THR A 512 15.89 -21.68 -10.03
CA THR A 512 16.23 -20.51 -9.23
C THR A 512 17.51 -20.81 -8.44
N THR A 513 18.54 -19.98 -8.62
CA THR A 513 19.82 -20.20 -7.96
C THR A 513 20.29 -18.95 -7.23
N ARG A 514 21.14 -19.13 -6.23
CA ARG A 514 21.74 -18.00 -5.54
C ARG A 514 22.74 -17.28 -6.44
N SER A 515 23.27 -17.99 -7.41
CA SER A 515 24.22 -17.39 -8.35
C SER A 515 23.52 -16.37 -9.25
N GLN A 516 22.22 -16.54 -9.45
CA GLN A 516 21.43 -15.60 -10.24
C GLN A 516 21.40 -14.21 -9.63
N TYR A 517 21.49 -14.12 -8.30
CA TYR A 517 21.41 -12.84 -7.61
C TYR A 517 22.68 -12.47 -6.84
N GLY A 518 23.77 -13.16 -7.14
CA GLY A 518 25.05 -12.86 -6.51
C GLY A 518 25.05 -13.13 -5.02
N LEU A 519 24.25 -14.10 -4.59
CA LEU A 519 24.24 -14.50 -3.19
C LEU A 519 25.31 -15.57 -2.95
N PRO A 520 26.00 -15.49 -1.81
CA PRO A 520 27.04 -16.49 -1.49
C PRO A 520 26.43 -17.87 -1.28
N GLU A 521 27.12 -18.91 -1.77
CA GLU A 521 26.66 -20.29 -1.60
C GLU A 521 26.87 -20.78 -0.16
N ASP A 522 27.94 -20.29 0.48
CA ASP A 522 28.32 -20.79 1.80
C ASP A 522 28.01 -19.81 2.93
N ALA A 523 26.86 -19.15 2.86
CA ALA A 523 26.53 -18.18 3.90
C ALA A 523 25.04 -18.04 4.15
N ILE A 524 24.71 -17.58 5.37
CA ILE A 524 23.33 -17.33 5.76
C ILE A 524 22.81 -16.08 5.05
N VAL A 525 21.67 -16.21 4.39
CA VAL A 525 21.06 -15.07 3.72
C VAL A 525 19.84 -14.54 4.49
N TYR A 526 20.00 -13.37 5.09
CA TYR A 526 18.87 -12.65 5.67
C TYR A 526 18.30 -11.76 4.58
N CYS A 527 16.97 -11.71 4.46
CA CYS A 527 16.35 -10.93 3.41
C CYS A 527 15.31 -9.95 3.93
N ASN A 528 15.05 -8.91 3.15
CA ASN A 528 13.87 -8.07 3.33
C ASN A 528 13.52 -7.44 1.99
N PHE A 529 12.31 -7.75 1.51
CA PHE A 529 11.92 -7.36 0.16
C PHE A 529 10.93 -6.20 0.16
N ASN A 530 10.88 -5.45 1.25
CA ASN A 530 10.00 -4.29 1.32
C ASN A 530 10.59 -3.08 0.63
N GLN A 531 9.73 -2.10 0.35
CA GLN A 531 10.21 -0.79 -0.09
C GLN A 531 11.06 -0.19 1.01
N LEU A 532 12.13 0.50 0.62
CA LEU A 532 13.12 0.98 1.58
C LEU A 532 12.60 2.01 2.58
N TYR A 533 11.45 2.62 2.29
CA TYR A 533 10.91 3.64 3.19
C TYR A 533 10.52 3.05 4.54
N LYS A 534 10.31 1.73 4.58
CA LYS A 534 9.91 1.04 5.80
C LYS A 534 11.09 0.86 6.76
N ILE A 535 12.31 1.05 6.26
CA ILE A 535 13.51 0.97 7.07
C ILE A 535 13.82 2.32 7.70
N ASP A 536 14.08 2.33 9.01
CA ASP A 536 14.54 3.53 9.71
C ASP A 536 15.91 3.25 10.34
N PRO A 537 16.62 4.31 10.79
CA PRO A 537 17.96 4.06 11.37
C PRO A 537 17.97 3.04 12.52
N SER A 538 16.90 2.98 13.31
CA SER A 538 16.82 2.01 14.40
C SER A 538 16.81 0.59 13.88
N THR A 539 16.17 0.37 12.73
CA THR A 539 16.04 -0.97 12.18
C THR A 539 17.37 -1.47 11.63
N LEU A 540 18.07 -0.60 10.91
CA LEU A 540 19.34 -0.98 10.31
C LEU A 540 20.39 -1.29 11.38
N GLN A 541 20.32 -0.55 12.49
CA GLN A 541 21.17 -0.79 13.64
C GLN A 541 20.96 -2.21 14.15
N MET A 542 19.70 -2.61 14.24
CA MET A 542 19.32 -3.91 14.75
C MET A 542 19.77 -5.01 13.81
N TRP A 543 19.74 -4.73 12.51
CA TRP A 543 20.20 -5.67 11.49
C TRP A 543 21.72 -5.83 11.52
N ALA A 544 22.43 -4.73 11.79
CA ALA A 544 23.89 -4.76 11.83
C ALA A 544 24.37 -5.56 13.04
N ASN A 545 23.62 -5.46 14.13
CA ASN A 545 23.91 -6.24 15.33
C ASN A 545 23.82 -7.72 15.04
N ILE A 546 22.81 -8.10 14.26
CA ILE A 546 22.59 -9.49 13.91
C ILE A 546 23.69 -10.00 12.99
N LEU A 547 23.97 -9.24 11.93
CA LEU A 547 25.00 -9.63 10.97
C LEU A 547 26.36 -9.80 11.65
N LYS A 548 26.65 -8.93 12.61
CA LYS A 548 27.92 -8.97 13.33
C LYS A 548 28.07 -10.23 14.19
N ARG A 549 26.94 -10.82 14.57
CA ARG A 549 26.95 -11.99 15.43
C ARG A 549 26.83 -13.29 14.63
N VAL A 550 26.51 -13.17 13.35
CA VAL A 550 26.47 -14.33 12.47
C VAL A 550 27.51 -14.16 11.38
N PRO A 551 28.71 -14.72 11.59
CA PRO A 551 29.92 -14.51 10.77
C PRO A 551 29.70 -14.71 9.28
N ASN A 552 29.16 -15.85 8.88
CA ASN A 552 28.86 -16.10 7.48
C ASN A 552 27.43 -15.71 7.16
N SER A 553 27.17 -14.40 7.07
CA SER A 553 25.82 -13.95 6.76
C SER A 553 25.80 -12.65 5.97
N VAL A 554 24.84 -12.56 5.06
CA VAL A 554 24.65 -11.36 4.28
C VAL A 554 23.22 -10.88 4.44
N LEU A 555 22.98 -9.62 4.10
CA LEU A 555 21.65 -9.03 4.11
C LEU A 555 21.20 -8.80 2.67
N TRP A 556 20.00 -9.28 2.33
CA TRP A 556 19.50 -9.24 0.96
C TRP A 556 18.37 -8.22 0.84
N LEU A 557 18.62 -7.13 0.12
CA LEU A 557 17.62 -6.07 -0.03
C LEU A 557 17.30 -5.78 -1.50
N LEU A 558 16.25 -5.02 -1.72
CA LEU A 558 15.84 -4.64 -3.07
C LEU A 558 16.14 -3.16 -3.34
N ARG A 559 16.49 -2.85 -4.60
CA ARG A 559 16.65 -1.48 -5.04
C ARG A 559 15.26 -0.91 -5.24
N PHE A 560 14.66 -0.49 -4.13
CA PHE A 560 13.24 -0.22 -4.09
C PHE A 560 12.99 1.10 -3.36
N PRO A 561 13.46 2.22 -3.91
CA PRO A 561 14.13 2.42 -5.21
C PRO A 561 15.64 2.35 -5.14
N ALA A 562 16.30 2.34 -6.30
CA ALA A 562 17.74 2.16 -6.39
C ALA A 562 18.55 3.29 -5.75
N VAL A 563 18.03 4.50 -5.79
CA VAL A 563 18.77 5.65 -5.27
C VAL A 563 18.93 5.60 -3.74
N GLY A 564 18.18 4.72 -3.09
CA GLY A 564 18.32 4.51 -1.66
C GLY A 564 19.48 3.60 -1.30
N GLU A 565 20.03 2.92 -2.31
CA GLU A 565 21.13 1.98 -2.09
C GLU A 565 22.40 2.59 -1.48
N PRO A 566 22.94 3.68 -2.07
CA PRO A 566 24.17 4.22 -1.48
C PRO A 566 23.97 4.74 -0.07
N ASN A 567 22.75 5.14 0.27
CA ASN A 567 22.45 5.61 1.62
C ASN A 567 22.52 4.49 2.64
N ILE A 568 21.82 3.38 2.38
CA ILE A 568 21.87 2.21 3.25
CA ILE A 568 21.87 2.24 3.27
C ILE A 568 23.31 1.76 3.44
N GLN A 569 24.04 1.63 2.32
CA GLN A 569 25.43 1.20 2.32
C GLN A 569 26.30 2.07 3.24
N GLN A 570 26.15 3.38 3.14
CA GLN A 570 26.95 4.30 3.95
C GLN A 570 26.62 4.18 5.43
N TYR A 571 25.33 4.13 5.75
CA TYR A 571 24.89 4.03 7.15
C TYR A 571 25.32 2.70 7.74
N ALA A 572 25.38 1.67 6.89
CA ALA A 572 25.82 0.35 7.31
C ALA A 572 27.30 0.37 7.66
N GLN A 573 28.10 1.06 6.84
CA GLN A 573 29.52 1.25 7.13
C GLN A 573 29.69 1.90 8.50
N ASN A 574 28.89 2.92 8.77
CA ASN A 574 28.98 3.65 10.03
C ASN A 574 28.56 2.80 11.23
N MET A 575 27.92 1.68 10.97
CA MET A 575 27.50 0.77 12.03
C MET A 575 28.42 -0.43 12.14
N GLY A 576 29.38 -0.53 11.22
CA GLY A 576 30.40 -1.56 11.30
C GLY A 576 30.36 -2.60 10.19
N LEU A 577 29.28 -2.58 9.40
CA LEU A 577 29.14 -3.53 8.30
C LEU A 577 29.88 -3.10 7.05
N PRO A 578 30.81 -3.93 6.56
CA PRO A 578 31.41 -3.70 5.25
C PRO A 578 30.34 -3.79 4.16
N GLN A 579 30.58 -3.19 3.01
CA GLN A 579 29.58 -3.13 1.93
C GLN A 579 29.24 -4.49 1.35
N ASN A 580 30.19 -5.41 1.38
CA ASN A 580 29.99 -6.74 0.81
C ASN A 580 29.01 -7.60 1.61
N ARG A 581 28.65 -7.12 2.80
CA ARG A 581 27.69 -7.82 3.65
C ARG A 581 26.24 -7.56 3.20
N ILE A 582 26.04 -6.52 2.40
CA ILE A 582 24.70 -6.18 1.94
C ILE A 582 24.57 -6.33 0.42
N ILE A 583 23.66 -7.21 0.01
CA ILE A 583 23.47 -7.51 -1.40
C ILE A 583 22.14 -6.97 -1.88
N PHE A 584 22.18 -6.19 -2.96
CA PHE A 584 20.99 -5.60 -3.52
C PHE A 584 20.61 -6.27 -4.83
N SER A 585 19.31 -6.49 -5.02
CA SER A 585 18.78 -7.00 -6.28
C SER A 585 17.70 -6.03 -6.76
N PRO A 586 17.46 -5.98 -8.08
CA PRO A 586 16.39 -5.09 -8.54
C PRO A 586 15.02 -5.68 -8.19
N VAL A 587 13.98 -4.84 -8.22
CA VAL A 587 12.63 -5.34 -8.08
C VAL A 587 12.31 -6.22 -9.28
N ALA A 588 11.62 -7.33 -9.03
CA ALA A 588 11.36 -8.33 -10.05
C ALA A 588 9.86 -8.43 -10.32
N PRO A 589 9.46 -9.06 -11.43
CA PRO A 589 8.04 -9.40 -11.61
C PRO A 589 7.49 -10.17 -10.41
N LYS A 590 6.18 -10.12 -10.22
CA LYS A 590 5.52 -10.72 -9.05
C LYS A 590 5.96 -12.16 -8.77
N GLU A 591 5.90 -13.01 -9.81
CA GLU A 591 6.18 -14.43 -9.64
C GLU A 591 7.64 -14.71 -9.28
N GLU A 592 8.57 -14.01 -9.92
CA GLU A 592 9.99 -14.19 -9.62
C GLU A 592 10.31 -13.71 -8.21
N HIS A 593 9.65 -12.63 -7.80
CA HIS A 593 9.81 -12.07 -6.47
C HIS A 593 9.40 -13.06 -5.38
N VAL A 594 8.24 -13.68 -5.52
CA VAL A 594 7.81 -14.68 -4.55
C VAL A 594 8.78 -15.88 -4.56
N ARG A 595 9.06 -16.38 -5.76
CA ARG A 595 9.88 -17.56 -5.94
C ARG A 595 11.31 -17.44 -5.39
N ARG A 596 11.95 -16.31 -5.62
CA ARG A 596 13.35 -16.13 -5.20
C ARG A 596 13.49 -16.01 -3.68
N GLY A 597 12.36 -15.87 -2.98
CA GLY A 597 12.36 -15.85 -1.54
C GLY A 597 12.80 -17.19 -0.98
N GLN A 598 12.71 -18.24 -1.79
CA GLN A 598 13.15 -19.56 -1.40
C GLN A 598 14.66 -19.62 -1.17
N LEU A 599 15.40 -18.74 -1.82
CA LEU A 599 16.87 -18.74 -1.73
C LEU A 599 17.38 -18.23 -0.38
N ALA A 600 16.55 -17.47 0.33
CA ALA A 600 16.97 -16.88 1.60
C ALA A 600 16.83 -17.90 2.73
N ASP A 601 17.53 -17.67 3.83
CA ASP A 601 17.40 -18.55 4.99
C ASP A 601 16.38 -17.97 5.96
N VAL A 602 16.48 -16.67 6.21
CA VAL A 602 15.62 -15.98 7.17
C VAL A 602 15.23 -14.63 6.62
N CYS A 603 13.96 -14.23 6.82
CA CYS A 603 13.53 -12.88 6.48
C CYS A 603 13.44 -12.03 7.74
N LEU A 604 14.09 -10.88 7.72
CA LEU A 604 14.03 -9.96 8.86
C LEU A 604 12.97 -8.90 8.56
N ASP A 605 11.86 -8.94 9.29
CA ASP A 605 10.77 -8.02 9.04
C ASP A 605 11.08 -6.61 9.58
N THR A 606 10.53 -5.59 8.93
CA THR A 606 10.70 -4.21 9.36
C THR A 606 9.68 -3.85 10.45
N PRO A 607 10.18 -3.48 11.64
CA PRO A 607 9.32 -3.14 12.78
C PRO A 607 8.55 -1.82 12.65
N LEU A 608 9.11 -0.84 11.94
CA LEU A 608 8.44 0.45 11.80
C LEU A 608 7.13 0.27 11.05
N CYS A 609 7.20 -0.44 9.94
CA CYS A 609 6.03 -0.85 9.20
C CYS A 609 6.34 -2.20 8.58
N ASN A 610 5.56 -3.21 8.95
CA ASN A 610 5.86 -4.58 8.53
C ASN A 610 5.63 -4.77 7.04
N GLY A 611 6.17 -5.85 6.51
CA GLY A 611 5.73 -6.34 5.23
C GLY A 611 4.33 -6.85 5.47
N HIS A 612 3.43 -6.58 4.54
CA HIS A 612 2.06 -7.07 4.66
C HIS A 612 1.82 -8.09 3.56
N THR A 613 1.66 -7.59 2.34
CA THR A 613 1.63 -8.44 1.16
C THR A 613 2.94 -9.18 1.03
N THR A 614 4.04 -8.44 1.17
CA THR A 614 5.36 -9.04 1.03
C THR A 614 5.67 -9.95 2.20
N GLY A 615 4.94 -9.77 3.30
CA GLY A 615 5.01 -10.70 4.41
C GLY A 615 4.44 -12.05 4.00
N MET A 616 3.27 -12.03 3.36
CA MET A 616 2.66 -13.25 2.84
C MET A 616 3.52 -13.86 1.73
N ASP A 617 4.13 -13.02 0.90
CA ASP A 617 5.01 -13.47 -0.17
C ASP A 617 6.16 -14.32 0.39
N VAL A 618 6.75 -13.85 1.49
CA VAL A 618 7.90 -14.52 2.08
C VAL A 618 7.53 -15.88 2.70
N LEU A 619 6.41 -15.91 3.42
CA LEU A 619 5.97 -17.13 4.08
C LEU A 619 5.52 -18.21 3.09
N TRP A 620 4.93 -17.79 1.98
CA TRP A 620 4.54 -18.75 0.96
C TRP A 620 5.75 -19.41 0.31
N ALA A 621 6.89 -18.72 0.35
CA ALA A 621 8.14 -19.28 -0.17
C ALA A 621 8.77 -20.26 0.83
N GLY A 622 8.19 -20.36 2.01
CA GLY A 622 8.68 -21.27 3.03
C GLY A 622 9.78 -20.66 3.90
N THR A 623 9.91 -19.35 3.84
CA THR A 623 10.96 -18.65 4.56
C THR A 623 10.49 -18.07 5.90
N PRO A 624 11.14 -18.47 7.00
CA PRO A 624 10.82 -17.97 8.34
C PRO A 624 11.01 -16.46 8.43
N MET A 625 10.04 -15.77 9.00
CA MET A 625 10.10 -14.32 9.15
C MET A 625 10.20 -13.94 10.63
N VAL A 626 11.19 -13.15 10.98
CA VAL A 626 11.32 -12.65 12.36
C VAL A 626 10.70 -11.27 12.45
N THR A 627 9.77 -11.09 13.38
CA THR A 627 9.07 -9.81 13.52
C THR A 627 9.03 -9.31 14.96
N MET A 628 8.84 -8.01 15.13
CA MET A 628 8.65 -7.40 16.45
C MET A 628 7.49 -6.41 16.37
N PRO A 629 6.27 -6.87 16.74
CA PRO A 629 5.07 -6.04 16.65
C PRO A 629 5.17 -4.75 17.47
N GLY A 630 4.65 -3.65 16.91
CA GLY A 630 4.67 -2.37 17.59
C GLY A 630 3.29 -2.01 18.12
N GLU A 631 2.93 -0.74 18.01
CA GLU A 631 1.65 -0.29 18.53
C GLU A 631 0.62 -0.06 17.42
N THR A 632 1.07 0.51 16.31
CA THR A 632 0.19 0.76 15.17
C THR A 632 -0.21 -0.55 14.51
N LEU A 633 -1.31 -0.52 13.76
CA LEU A 633 -1.78 -1.68 13.02
C LEU A 633 -0.72 -2.17 12.04
N ALA A 634 -0.12 -1.24 11.30
CA ALA A 634 0.85 -1.56 10.26
C ALA A 634 2.09 -2.25 10.82
N SER A 635 2.37 -2.02 12.10
CA SER A 635 3.55 -2.58 12.73
C SER A 635 3.28 -3.94 13.37
N ARG A 636 2.06 -4.46 13.21
CA ARG A 636 1.66 -5.70 13.89
C ARG A 636 1.11 -6.79 12.97
N VAL A 637 0.97 -6.45 11.68
CA VAL A 637 0.41 -7.38 10.70
C VAL A 637 1.23 -8.66 10.52
N ALA A 638 2.55 -8.52 10.50
CA ALA A 638 3.45 -9.67 10.37
C ALA A 638 3.31 -10.64 11.55
N ALA A 639 3.15 -10.10 12.75
CA ALA A 639 2.99 -10.93 13.94
C ALA A 639 1.68 -11.69 13.91
N SER A 640 0.66 -11.06 13.34
CA SER A 640 -0.66 -11.68 13.20
C SER A 640 -0.60 -12.82 12.19
N GLN A 641 0.15 -12.62 11.12
CA GLN A 641 0.34 -13.65 10.10
C GLN A 641 1.08 -14.85 10.68
N LEU A 642 2.10 -14.59 11.49
CA LEU A 642 2.91 -15.65 12.08
C LEU A 642 2.14 -16.40 13.17
N THR A 643 1.23 -15.68 13.83
CA THR A 643 0.37 -16.30 14.83
C THR A 643 -0.60 -17.28 14.18
N CYS A 644 -1.28 -16.84 13.12
CA CYS A 644 -2.17 -17.71 12.37
C CYS A 644 -1.39 -18.88 11.76
N LEU A 645 -0.17 -18.59 11.31
CA LEU A 645 0.71 -19.60 10.75
C LEU A 645 1.10 -20.64 11.80
N GLY A 646 1.18 -20.21 13.06
CA GLY A 646 1.54 -21.11 14.14
C GLY A 646 3.02 -21.12 14.47
N CYS A 647 3.66 -19.96 14.38
CA CYS A 647 5.08 -19.86 14.66
C CYS A 647 5.35 -18.73 15.64
N LEU A 648 4.92 -18.90 16.88
CA LEU A 648 5.06 -17.87 17.90
C LEU A 648 6.52 -17.59 18.25
N GLU A 649 7.40 -18.55 17.96
CA GLU A 649 8.82 -18.39 18.30
C GLU A 649 9.55 -17.41 17.37
N LEU A 650 8.85 -16.94 16.35
CA LEU A 650 9.40 -15.95 15.44
C LEU A 650 8.90 -14.55 15.77
N ILE A 651 8.09 -14.46 16.83
CA ILE A 651 7.56 -13.17 17.28
C ILE A 651 8.32 -12.65 18.50
N ALA A 652 9.02 -11.54 18.32
CA ALA A 652 9.82 -10.95 19.39
C ALA A 652 9.03 -9.94 20.21
N LYS A 653 9.37 -9.84 21.49
CA LYS A 653 8.70 -8.89 22.38
C LYS A 653 9.55 -7.63 22.58
N ASN A 654 10.77 -7.66 22.05
CA ASN A 654 11.66 -6.50 22.07
C ASN A 654 12.84 -6.67 21.13
N ARG A 655 13.70 -5.66 21.07
CA ARG A 655 14.78 -5.65 20.09
C ARG A 655 15.86 -6.70 20.37
N GLN A 656 16.11 -6.97 21.65
CA GLN A 656 17.06 -8.02 22.04
C GLN A 656 16.58 -9.38 21.56
N GLU A 657 15.31 -9.67 21.83
CA GLU A 657 14.71 -10.94 21.46
C GLU A 657 14.67 -11.11 19.94
N TYR A 658 14.38 -10.02 19.24
CA TYR A 658 14.40 -10.00 17.77
C TYR A 658 15.79 -10.38 17.28
N GLU A 659 16.82 -9.76 17.85
CA GLU A 659 18.19 -10.06 17.47
C GLU A 659 18.56 -11.50 17.83
N ASP A 660 18.20 -11.93 19.04
CA ASP A 660 18.55 -13.27 19.50
C ASP A 660 17.91 -14.38 18.66
N ILE A 661 16.65 -14.20 18.29
CA ILE A 661 15.96 -15.16 17.43
C ILE A 661 16.64 -15.26 16.08
N ALA A 662 16.92 -14.11 15.47
CA ALA A 662 17.58 -14.05 14.18
C ALA A 662 19.00 -14.61 14.24
N VAL A 663 19.71 -14.35 15.34
CA VAL A 663 21.08 -14.83 15.48
C VAL A 663 21.10 -16.35 15.72
N LYS A 664 20.09 -16.85 16.41
CA LYS A 664 19.98 -18.28 16.66
C LYS A 664 19.70 -19.06 15.38
N LEU A 665 18.79 -18.54 14.56
CA LEU A 665 18.47 -19.16 13.28
C LEU A 665 19.70 -19.18 12.37
N GLY A 666 20.54 -18.16 12.50
CA GLY A 666 21.72 -18.04 11.68
C GLY A 666 22.91 -18.86 12.14
N THR A 667 22.90 -19.28 13.40
CA THR A 667 24.02 -20.02 13.97
C THR A 667 23.69 -21.48 14.34
N ASP A 668 22.47 -21.72 14.79
CA ASP A 668 22.02 -23.08 15.12
C ASP A 668 21.34 -23.68 13.90
N LEU A 669 22.12 -24.32 13.02
CA LEU A 669 21.63 -24.75 11.73
C LEU A 669 20.60 -25.89 11.78
N GLU A 670 20.58 -26.64 12.88
CA GLU A 670 19.55 -27.66 13.06
C GLU A 670 18.23 -27.00 13.43
N TYR A 671 18.30 -25.96 14.26
CA TYR A 671 17.11 -25.20 14.61
C TYR A 671 16.57 -24.48 13.38
N LEU A 672 17.48 -24.04 12.51
CA LEU A 672 17.08 -23.42 11.26
C LEU A 672 16.35 -24.42 10.37
N LYS A 673 16.86 -25.65 10.34
CA LYS A 673 16.24 -26.71 9.56
C LYS A 673 14.84 -27.03 10.09
N LYS A 674 14.71 -27.06 11.42
CA LYS A 674 13.42 -27.31 12.07
C LYS A 674 12.40 -26.21 11.76
N VAL A 675 12.85 -24.97 11.86
CA VAL A 675 11.94 -23.83 11.69
C VAL A 675 11.53 -23.65 10.22
N ARG A 676 12.49 -23.80 9.31
CA ARG A 676 12.18 -23.71 7.88
C ARG A 676 11.21 -24.81 7.46
N GLY A 677 11.40 -26.01 8.01
CA GLY A 677 10.53 -27.13 7.71
C GLY A 677 9.13 -26.89 8.23
N LYS A 678 9.06 -26.28 9.41
CA LYS A 678 7.79 -25.96 10.03
C LYS A 678 6.98 -24.97 9.20
N VAL A 679 7.65 -23.94 8.70
CA VAL A 679 7.00 -22.92 7.89
C VAL A 679 6.54 -23.53 6.57
N TRP A 680 7.41 -24.32 5.97
CA TRP A 680 7.12 -24.99 4.70
C TRP A 680 5.88 -25.88 4.79
N LYS A 681 5.73 -26.60 5.90
CA LYS A 681 4.57 -27.45 6.10
C LYS A 681 3.33 -26.63 6.42
N GLN A 682 3.51 -25.56 7.18
CA GLN A 682 2.37 -24.78 7.67
C GLN A 682 1.77 -23.80 6.68
N ARG A 683 2.45 -23.57 5.55
CA ARG A 683 1.86 -22.76 4.49
C ARG A 683 0.55 -23.42 4.08
N ILE A 684 0.56 -24.75 4.13
CA ILE A 684 -0.56 -25.55 3.64
C ILE A 684 -1.55 -25.92 4.76
N SER A 685 -1.05 -26.40 5.89
CA SER A 685 -1.91 -26.95 6.93
C SER A 685 -2.54 -25.89 7.85
N SER A 686 -1.96 -24.70 7.90
CA SER A 686 -2.52 -23.61 8.70
C SER A 686 -3.56 -22.87 7.86
N PRO A 687 -4.44 -22.10 8.51
CA PRO A 687 -5.47 -21.39 7.74
C PRO A 687 -4.98 -20.08 7.10
N LEU A 688 -3.68 -19.85 7.10
CA LEU A 688 -3.15 -18.57 6.63
C LEU A 688 -3.39 -18.29 5.15
N PHE A 689 -3.30 -19.33 4.33
CA PHE A 689 -3.51 -19.18 2.89
C PHE A 689 -4.79 -19.87 2.44
N ASN A 690 -5.61 -20.26 3.42
CA ASN A 690 -6.87 -20.94 3.13
C ASN A 690 -8.02 -19.97 2.87
N THR A 691 -8.20 -19.59 1.60
CA THR A 691 -9.19 -18.59 1.22
C THR A 691 -10.63 -19.04 1.42
N LYS A 692 -10.86 -20.34 1.44
CA LYS A 692 -12.21 -20.86 1.67
C LYS A 692 -12.59 -20.75 3.14
N GLN A 693 -11.67 -21.14 4.02
CA GLN A 693 -11.91 -21.02 5.45
C GLN A 693 -12.02 -19.55 5.84
N TYR A 694 -11.24 -18.70 5.17
CA TYR A 694 -11.29 -17.28 5.40
C TYR A 694 -12.67 -16.71 5.06
N THR A 695 -13.16 -17.06 3.88
CA THR A 695 -14.42 -16.53 3.38
C THR A 695 -15.57 -16.95 4.29
N MET A 696 -15.51 -18.19 4.79
CA MET A 696 -16.52 -18.68 5.72
C MET A 696 -16.49 -17.91 7.03
N GLU A 697 -15.29 -17.69 7.57
CA GLU A 697 -15.14 -16.94 8.81
C GLU A 697 -15.56 -15.48 8.64
N LEU A 698 -15.25 -14.91 7.47
CA LEU A 698 -15.63 -13.54 7.16
C LEU A 698 -17.15 -13.42 7.06
N GLU A 699 -17.80 -14.50 6.63
CA GLU A 699 -19.24 -14.53 6.52
C GLU A 699 -19.92 -14.59 7.88
N ARG A 700 -19.30 -15.30 8.82
CA ARG A 700 -19.79 -15.35 10.19
C ARG A 700 -19.77 -13.94 10.78
N LEU A 701 -18.65 -13.24 10.56
CA LEU A 701 -18.49 -11.89 11.06
C LEU A 701 -19.53 -10.94 10.47
N TYR A 702 -19.78 -11.07 9.16
CA TYR A 702 -20.80 -10.27 8.49
C TYR A 702 -22.16 -10.47 9.16
N LEU A 703 -22.52 -11.73 9.40
CA LEU A 703 -23.80 -12.06 10.01
C LEU A 703 -23.89 -11.54 11.44
N GLN A 704 -22.77 -11.58 12.16
CA GLN A 704 -22.71 -10.98 13.49
C GLN A 704 -22.98 -9.48 13.39
N MET A 705 -22.38 -8.83 12.39
CA MET A 705 -22.60 -7.42 12.15
C MET A 705 -24.06 -7.13 11.88
N TRP A 706 -24.66 -7.91 10.98
CA TRP A 706 -26.02 -7.68 10.53
C TRP A 706 -27.08 -7.89 11.62
N GLU A 707 -26.96 -8.97 12.38
CA GLU A 707 -27.93 -9.27 13.43
C GLU A 707 -27.92 -8.19 14.50
N HIS A 708 -26.74 -7.65 14.79
CA HIS A 708 -26.59 -6.58 15.76
C HIS A 708 -27.36 -5.34 15.30
N TYR A 709 -27.28 -5.05 14.00
CA TYR A 709 -28.00 -3.93 13.42
C TYR A 709 -29.49 -4.23 13.30
N ALA A 710 -29.81 -5.43 12.81
CA ALA A 710 -31.20 -5.83 12.59
C ALA A 710 -31.99 -5.88 13.89
N ALA A 711 -31.28 -6.01 15.01
CA ALA A 711 -31.91 -6.02 16.32
C ALA A 711 -32.05 -4.60 16.86
N GLY A 712 -31.64 -3.63 16.06
CA GLY A 712 -31.81 -2.22 16.40
C GLY A 712 -30.70 -1.64 17.27
N ASN A 713 -29.46 -2.03 17.00
CA ASN A 713 -28.32 -1.49 17.74
C ASN A 713 -27.35 -0.71 16.86
N LYS A 714 -26.77 0.34 17.42
CA LYS A 714 -25.65 1.03 16.80
C LYS A 714 -24.43 0.13 16.94
N PRO A 715 -23.44 0.27 16.05
CA PRO A 715 -22.28 -0.63 16.04
C PRO A 715 -21.55 -0.73 17.38
N ASP A 716 -21.07 -1.93 17.69
CA ASP A 716 -20.28 -2.17 18.89
C ASP A 716 -19.22 -3.22 18.59
N HIS A 717 -18.21 -3.33 19.44
CA HIS A 717 -17.08 -4.22 19.19
C HIS A 717 -17.50 -5.68 18.97
N MET A 718 -17.26 -6.19 17.77
CA MET A 718 -17.55 -7.56 17.42
C MET A 718 -16.33 -8.43 17.71
N ILE A 719 -15.84 -8.38 18.93
CA ILE A 719 -14.63 -9.11 19.29
C ILE A 719 -14.97 -10.52 19.79
N LYS A 720 -15.97 -11.12 19.15
CA LYS A 720 -16.41 -12.48 19.43
C LYS A 720 -16.68 -12.73 20.91
N SER B 5 7.87 -4.45 -15.41
CA SER B 5 7.82 -3.08 -14.92
C SER B 5 8.08 -3.05 -13.41
N ASN B 6 7.89 -1.88 -12.80
CA ASN B 6 7.93 -1.77 -11.35
C ASN B 6 6.65 -2.37 -10.79
N PRO B 7 6.71 -2.96 -9.58
CA PRO B 7 5.51 -3.55 -9.00
C PRO B 7 4.50 -2.47 -8.64
N PRO B 8 3.23 -2.69 -8.96
CA PRO B 8 2.20 -1.82 -8.37
C PRO B 8 2.20 -2.04 -6.87
N CYS B 9 2.15 -0.95 -6.11
CA CYS B 9 2.15 -1.03 -4.65
C CYS B 9 0.92 -0.31 -4.13
N GLU B 10 0.82 -0.20 -2.82
CA GLU B 10 -0.15 0.70 -2.22
C GLU B 10 0.39 2.13 -2.33
N THR B 11 -0.29 2.94 -3.12
CA THR B 11 0.20 4.28 -3.45
C THR B 11 -0.72 5.40 -2.97
N HIS B 12 -0.16 6.60 -2.82
CA HIS B 12 -0.91 7.76 -2.37
C HIS B 12 -0.45 9.00 -3.13
N GLU B 13 -1.41 9.80 -3.62
CA GLU B 13 -1.06 11.03 -4.33
C GLU B 13 -0.57 12.07 -3.33
N THR B 14 0.49 12.79 -3.69
CA THR B 14 1.05 13.81 -2.83
C THR B 14 0.20 15.08 -2.87
N GLY B 15 -0.15 15.60 -1.70
CA GLY B 15 -0.96 16.81 -1.62
C GLY B 15 -0.25 18.05 -2.13
N THR B 16 -1.03 19.00 -2.64
CA THR B 16 -0.47 20.26 -3.14
C THR B 16 -0.92 21.44 -2.29
N THR B 17 -0.38 22.61 -2.61
CA THR B 17 -0.63 23.82 -1.84
C THR B 17 -1.28 24.91 -2.68
N ASN B 18 -2.55 25.22 -2.41
CA ASN B 18 -3.21 26.34 -3.06
C ASN B 18 -2.75 27.66 -2.45
N THR B 19 -2.61 28.69 -3.28
CA THR B 19 -2.22 30.01 -2.80
C THR B 19 -3.42 30.95 -2.78
N ALA B 20 -3.73 31.49 -1.62
CA ALA B 20 -4.83 32.45 -1.51
C ALA B 20 -4.29 33.84 -1.80
N THR B 21 -4.98 34.58 -2.65
CA THR B 21 -4.55 35.92 -3.01
C THR B 21 -5.39 37.00 -2.33
N THR B 22 -4.72 37.90 -1.61
CA THR B 22 -5.41 39.03 -0.98
C THR B 22 -5.40 40.23 -1.90
N ALA B 23 -6.52 40.95 -1.95
CA ALA B 23 -6.64 42.15 -2.75
C ALA B 23 -6.26 43.37 -1.95
N THR B 24 -5.34 44.16 -2.49
CA THR B 24 -4.82 45.35 -1.81
C THR B 24 -4.91 46.58 -2.69
#